data_8J6L
#
_entry.id   8J6L
#
_cell.length_a   1.00
_cell.length_b   1.00
_cell.length_c   1.00
_cell.angle_alpha   90.00
_cell.angle_beta   90.00
_cell.angle_gamma   90.00
#
_symmetry.space_group_name_H-M   'P 1'
#
loop_
_entity.id
_entity.type
_entity.pdbx_description
1 polymer 'Guanine nucleotide-binding protein G(i) subunit alpha-1'
2 polymer 'Guanine nucleotide-binding protein G(I)/G(S)/G(T) subunit beta-1'
3 polymer 'Guanine nucleotide-binding protein G(I)/G(S)/G(O) subunit gamma-2'
4 polymer SVF16
5 polymer 'Hydroxycarboxylic acid receptor 2,hydroxycarboxylic acid receptor 2'
6 non-polymer 'NICOTINIC ACID'
#
loop_
_entity_poly.entity_id
_entity_poly.type
_entity_poly.pdbx_seq_one_letter_code
_entity_poly.pdbx_strand_id
1 'polypeptide(L)'
;MGCTLSAEDKAAVERSKMIDRNLREDGEKAAREVKLLLLGAGESGKNTIVKQMKIIHEAGYSEEECKQYKAVVYSNTIQS
IIAIIRAMGRLKIDFGDSARADDARQLFVLAGAAEEGFMTAELAGVIKRLWKDSGVQACFNRSREYQLNDSAAYYLNDLD
RIAQPNYIPTQQDVLRTRVKTTGIVETHFTFKDLHFKMFDVGAQRSERKKWIHCFEGVTAIIFCVALSDYDLVLAEDEEM
NRMHASMKLFDSICNNKWFTDTSIILFLNKKDLFEEKIKKSPLTICYPEYAGSNTYEEAAAYIQCQFEDLNKRKDTKEIY
THFTCSTDTKNVQFVFDAVTDVIIKNNLKDCGLF
;
A
2 'polypeptide(L)'
;GSLLQSELDQLRQEAEQLKNQIRDARKACADATLSQITNNIDPVGRIQMRTRRTLRGHLAKIYAMHWGTDSRLLVSASQD
GKLIIWDSYTTNKVHAIPLRSSWVMTCAYAPSGNYVACGGLDNICSIYNLKTREGNVRVSRELAGHTGYLSCCRFLDDNQ
IVTSSGDTTCALWDIETGQQTTTFTGHTGDVMSLSLAPDTRLFVSGACDASAKLWDVREGMCRQTFTGHESDINAICFFP
NGNAFATGSDDATCRLFDLRADQELMTYSHDNIICGITSVSFSKSGRLLLAGYDDFNCNVWDALKADRAGVLAGHDNRVS
CLGVTDDGMAVATGSWDSFLKIWNGSSGGGGSGGGGSSGVSGWRLFKKIS
;
B
3 'polypeptide(L)' ASNNTASIAQARKLVEQLKMEANIDRIKVSKAAADLMAYCEAHAKEDPLLTPVPASENPFREKKFFCAIL G
4 'polypeptide(L)'
;VQLVESGGGLVQPGGSRKLSCSASGFAFSSFGMHWVRQAPEKGLEWVAYISSGSGTIYYADTVKGRFTISRDDPKNTLFL
QMTSLRSEDTAMYYCVRSIYYYGSSPFDFWGQGTTLTVSAGGGGSGGGGSGGGGSADIVMTQATSSVPVTPGESVSISCR
SSKSLLHSNGNTYLYWFLQRPGQSPQLLIYRMSNLASGVPDRFSGSGSGTAFTLTISRLEAEDVGVYYCMQHLEYPLTFG
AGTKLEL
;
H
5 'polypeptide(L)'
;MNRHHLQDHFLEIDKKNCCVFRDDFIVKVLPPVLGLEFIFGLLGNGLALWIFCFHLKSWKSSRIFLFNLAVADFLLIICL
PFLMDNYVRRWDWKFGDIPCRLMLFMLAMNRQGSIIFLTVVAVDRYFRVVHPHHALNKISNRTAAIISCLLWGITIGLTV
HLLKKKMPIQNGGANLCSSFSICHTFQWHEAMFLLEFFLPLGIILFCSARIIWSLRQRQMDRHAKIKRAITFIMVVAIVF
VICFLPSVVVRIRIFWLLHTSGTQNCEVYRSVDLAFFITLSFTYMNSMLDPVVYYFSSPSFPNFFSTLINRCLQRKMTGE
PDNNRSTSVEVFTLEDFVGDWEQTAAYNLDQVLEQGGVSSLLQNLAVSVTPIQRIVRSGENALKIDIHVIIPYEGLSADQ
MAQIEEVFKVVYPVDDHHFKVILPYGTLVIDGVTPNMLNYFGRPYEGIAVFDGKKITVTGTLWNGNKIIDERLITPDGSM
LFRVTINS
;
R
#
loop_
_chem_comp.id
_chem_comp.type
_chem_comp.name
_chem_comp.formula
NIO non-polymer 'NICOTINIC ACID' 'C6 H5 N O2'
#
# COMPACT_ATOMS: atom_id res chain seq x y z
N LEU A 5 -3.44 11.50 24.63
CA LEU A 5 -2.92 10.82 25.85
C LEU A 5 -3.41 9.37 25.90
N SER A 6 -2.54 8.47 26.38
CA SER A 6 -2.89 7.07 26.49
C SER A 6 -2.00 6.42 27.55
N ALA A 7 -2.47 5.28 28.06
CA ALA A 7 -1.75 4.52 29.07
C ALA A 7 -1.30 3.16 28.54
N GLU A 8 -2.23 2.36 28.02
CA GLU A 8 -1.90 1.05 27.46
C GLU A 8 -1.77 1.05 25.95
N ASP A 9 -2.34 2.04 25.27
CA ASP A 9 -2.30 2.08 23.82
C ASP A 9 -0.93 2.40 23.25
N LYS A 10 0.01 2.85 24.08
CA LYS A 10 1.36 3.12 23.59
C LYS A 10 2.04 1.83 23.14
N ALA A 11 1.82 0.73 23.86
CA ALA A 11 2.34 -0.55 23.42
C ALA A 11 1.74 -0.96 22.07
N ALA A 12 0.45 -0.73 21.89
CA ALA A 12 -0.18 -1.03 20.61
C ALA A 12 0.42 -0.17 19.50
N VAL A 13 0.68 1.10 19.79
CA VAL A 13 1.30 1.98 18.78
C VAL A 13 2.69 1.48 18.43
N GLU A 14 3.47 1.07 19.43
CA GLU A 14 4.79 0.53 19.16
C GLU A 14 4.71 -0.72 18.29
N ARG A 15 3.77 -1.61 18.61
CA ARG A 15 3.58 -2.82 17.80
C ARG A 15 3.21 -2.46 16.37
N SER A 16 2.34 -1.46 16.20
CA SER A 16 2.00 -1.01 14.86
C SER A 16 3.23 -0.47 14.14
N LYS A 17 4.12 0.21 14.86
CA LYS A 17 5.36 0.69 14.24
C LYS A 17 6.23 -0.46 13.78
N MET A 18 6.35 -1.52 14.59
CA MET A 18 7.12 -2.67 14.16
C MET A 18 6.50 -3.31 12.92
N ILE A 19 5.17 -3.43 12.91
CA ILE A 19 4.49 -4.00 11.76
C ILE A 19 4.73 -3.14 10.52
N ASP A 20 4.71 -1.81 10.69
CA ASP A 20 4.96 -0.91 9.57
C ASP A 20 6.38 -1.07 9.04
N ARG A 21 7.35 -1.22 9.95
CA ARG A 21 8.73 -1.43 9.52
C ARG A 21 8.86 -2.73 8.72
N ASN A 22 8.23 -3.80 9.21
CA ASN A 22 8.27 -5.06 8.49
C ASN A 22 7.60 -4.94 7.13
N LEU A 23 6.46 -4.25 7.06
CA LEU A 23 5.77 -4.05 5.79
C LEU A 23 6.61 -3.25 4.82
N ARG A 24 7.30 -2.22 5.30
CA ARG A 24 8.17 -1.43 4.44
C ARG A 24 9.31 -2.27 3.90
N GLU A 25 9.93 -3.09 4.76
CA GLU A 25 11.02 -3.95 4.31
C GLU A 25 10.53 -4.92 3.25
N ASP A 26 9.37 -5.55 3.48
CA ASP A 26 8.83 -6.48 2.51
C ASP A 26 8.47 -5.78 1.21
N GLY A 27 7.97 -4.54 1.30
CA GLY A 27 7.64 -3.79 0.11
C GLY A 27 8.86 -3.49 -0.74
N GLU A 28 9.94 -3.04 -0.10
CA GLU A 28 11.17 -2.81 -0.84
C GLU A 28 11.68 -4.11 -1.46
N LYS A 29 11.64 -5.20 -0.69
CA LYS A 29 12.06 -6.49 -1.22
C LYS A 29 11.27 -6.84 -2.48
N ALA A 30 9.95 -6.76 -2.41
CA ALA A 30 9.12 -7.11 -3.56
C ALA A 30 9.37 -6.17 -4.74
N ALA A 31 9.54 -4.88 -4.45
CA ALA A 31 9.78 -3.91 -5.51
C ALA A 31 11.07 -4.23 -6.26
N ARG A 32 12.12 -4.66 -5.55
CA ARG A 32 13.35 -5.01 -6.26
C ARG A 32 13.14 -6.16 -7.23
N GLU A 33 12.31 -7.14 -6.85
CA GLU A 33 12.10 -8.29 -7.72
C GLU A 33 11.25 -7.93 -8.93
N VAL A 34 11.44 -8.67 -10.01
CA VAL A 34 10.80 -8.41 -11.29
C VAL A 34 9.82 -9.55 -11.58
N LYS A 35 8.64 -9.20 -12.08
CA LYS A 35 7.55 -10.14 -12.30
C LYS A 35 7.39 -10.44 -13.79
N LEU A 36 7.06 -11.69 -14.12
CA LEU A 36 6.80 -12.12 -15.48
C LEU A 36 5.55 -12.98 -15.51
N LEU A 37 4.76 -12.84 -16.57
CA LEU A 37 3.52 -13.57 -16.74
C LEU A 37 3.65 -14.52 -17.93
N LEU A 38 3.22 -15.76 -17.74
CA LEU A 38 3.29 -16.78 -18.79
C LEU A 38 1.93 -16.96 -19.44
N LEU A 39 1.93 -17.12 -20.76
CA LEU A 39 0.71 -17.34 -21.53
C LEU A 39 1.03 -18.16 -22.76
N GLY A 40 0.00 -18.76 -23.33
CA GLY A 40 0.14 -19.61 -24.50
C GLY A 40 -0.87 -20.75 -24.46
N ALA A 41 -0.87 -21.54 -25.54
CA ALA A 41 -1.71 -22.72 -25.65
C ALA A 41 -0.84 -23.97 -25.72
N GLY A 42 -1.20 -24.98 -24.94
CA GLY A 42 -0.46 -26.24 -24.92
C GLY A 42 0.57 -26.34 -23.81
N GLU A 43 0.40 -27.32 -22.91
CA GLU A 43 1.21 -27.38 -21.69
C GLU A 43 2.69 -27.57 -22.01
N SER A 44 3.01 -28.45 -22.96
CA SER A 44 4.40 -28.70 -23.29
C SER A 44 5.10 -27.43 -23.76
N GLY A 45 4.37 -26.56 -24.47
CA GLY A 45 4.97 -25.34 -24.96
C GLY A 45 5.54 -24.49 -23.86
N LYS A 46 4.78 -24.29 -22.78
CA LYS A 46 5.29 -23.52 -21.65
C LYS A 46 6.30 -24.31 -20.84
N ASN A 47 6.04 -25.59 -20.60
CA ASN A 47 6.95 -26.39 -19.79
C ASN A 47 8.33 -26.51 -20.41
N THR A 48 8.45 -26.32 -21.73
CA THR A 48 9.76 -26.41 -22.36
C THR A 48 10.73 -25.39 -21.77
N ILE A 49 10.33 -24.11 -21.74
CA ILE A 49 11.23 -23.09 -21.20
C ILE A 49 11.43 -23.27 -19.70
N VAL A 50 10.38 -23.70 -18.99
CA VAL A 50 10.53 -23.94 -17.55
C VAL A 50 11.61 -24.99 -17.31
N LYS A 51 11.61 -26.07 -18.10
CA LYS A 51 12.69 -27.05 -18.00
C LYS A 51 14.03 -26.43 -18.39
N GLN A 52 14.04 -25.61 -19.45
CA GLN A 52 15.28 -24.99 -19.91
C GLN A 52 15.84 -23.97 -18.94
N MET A 53 15.05 -23.51 -17.97
CA MET A 53 15.53 -22.51 -17.03
C MET A 53 16.66 -23.09 -16.18
N LYS A 54 17.69 -22.28 -15.95
CA LYS A 54 18.83 -22.66 -15.14
C LYS A 54 18.97 -21.69 -13.98
N ILE A 55 19.15 -22.23 -12.77
CA ILE A 55 19.30 -21.40 -11.58
C ILE A 55 20.77 -21.02 -11.41
N THR A 182 -4.37 -26.79 -9.79
CA THR A 182 -3.41 -26.46 -8.74
C THR A 182 -3.17 -24.95 -8.68
N GLY A 183 -3.98 -24.18 -9.40
CA GLY A 183 -3.80 -22.74 -9.40
C GLY A 183 -2.55 -22.34 -10.16
N ILE A 184 -2.08 -21.13 -9.86
CA ILE A 184 -0.87 -20.62 -10.50
C ILE A 184 0.32 -21.41 -10.00
N VAL A 185 1.33 -21.56 -10.86
CA VAL A 185 2.60 -22.18 -10.51
C VAL A 185 3.65 -21.08 -10.44
N GLU A 186 4.26 -20.91 -9.28
CA GLU A 186 5.26 -19.87 -9.07
C GLU A 186 6.65 -20.45 -9.28
N THR A 187 7.43 -19.81 -10.15
CA THR A 187 8.80 -20.21 -10.44
C THR A 187 9.72 -19.06 -10.05
N HIS A 188 10.63 -19.32 -9.12
CA HIS A 188 11.59 -18.33 -8.64
C HIS A 188 12.99 -18.79 -9.04
N PHE A 189 13.73 -17.91 -9.71
CA PHE A 189 15.10 -18.20 -10.10
C PHE A 189 15.89 -16.91 -10.14
N THR A 190 17.16 -16.99 -9.75
CA THR A 190 18.07 -15.85 -9.72
C THR A 190 19.00 -15.93 -10.92
N PHE A 191 19.08 -14.85 -11.69
CA PHE A 191 19.95 -14.80 -12.86
C PHE A 191 20.60 -13.44 -12.92
N LYS A 192 21.93 -13.43 -13.01
CA LYS A 192 22.70 -12.19 -13.06
C LYS A 192 22.34 -11.26 -11.91
N ASP A 193 22.19 -11.85 -10.71
CA ASP A 193 21.90 -11.10 -9.49
C ASP A 193 20.53 -10.44 -9.53
N LEU A 194 19.61 -10.95 -10.34
CA LEU A 194 18.26 -10.43 -10.44
C LEU A 194 17.27 -11.57 -10.19
N HIS A 195 16.31 -11.33 -9.31
CA HIS A 195 15.31 -12.35 -8.95
C HIS A 195 14.13 -12.26 -9.92
N PHE A 196 13.81 -13.39 -10.54
CA PHE A 196 12.74 -13.46 -11.52
C PHE A 196 11.59 -14.29 -10.96
N LYS A 197 10.37 -13.75 -11.03
CA LYS A 197 9.16 -14.46 -10.63
C LYS A 197 8.29 -14.64 -11.88
N MET A 198 8.17 -15.89 -12.31
CA MET A 198 7.38 -16.24 -13.49
C MET A 198 6.10 -16.94 -13.04
N PHE A 199 4.96 -16.39 -13.44
CA PHE A 199 3.64 -16.90 -13.04
C PHE A 199 3.04 -17.67 -14.20
N ASP A 200 2.78 -18.96 -13.98
CA ASP A 200 2.16 -19.80 -15.00
C ASP A 200 0.66 -19.87 -14.69
N VAL A 201 -0.15 -19.31 -15.57
CA VAL A 201 -1.60 -19.24 -15.38
C VAL A 201 -2.33 -20.11 -16.41
N GLY A 202 -1.62 -21.05 -17.05
CA GLY A 202 -2.24 -21.88 -18.06
C GLY A 202 -3.16 -22.93 -17.50
N ALA A 203 -2.99 -23.30 -16.22
CA ALA A 203 -3.83 -24.32 -15.61
C ALA A 203 -5.12 -23.78 -15.01
N GLN A 204 -5.29 -22.45 -14.97
CA GLN A 204 -6.48 -21.89 -14.37
C GLN A 204 -7.73 -22.28 -15.15
N ARG A 205 -7.68 -22.19 -16.47
CA ARG A 205 -8.82 -22.51 -17.34
C ARG A 205 -10.06 -21.74 -16.89
N SER A 206 -9.96 -20.42 -16.94
CA SER A 206 -11.04 -19.54 -16.55
C SER A 206 -11.03 -18.30 -17.43
N GLU A 207 -12.16 -17.60 -17.47
CA GLU A 207 -12.28 -16.40 -18.27
C GLU A 207 -11.24 -15.37 -17.86
N ARG A 208 -10.33 -15.05 -18.77
CA ARG A 208 -9.26 -14.10 -18.47
C ARG A 208 -9.78 -12.69 -18.24
N LYS A 209 -11.00 -12.39 -18.69
CA LYS A 209 -11.50 -11.02 -18.61
C LYS A 209 -11.68 -10.55 -17.18
N LYS A 210 -11.80 -11.45 -16.21
CA LYS A 210 -12.12 -11.09 -14.83
C LYS A 210 -10.93 -11.19 -13.89
N TRP A 211 -9.77 -11.66 -14.35
CA TRP A 211 -8.59 -11.73 -13.49
C TRP A 211 -7.31 -11.32 -14.19
N ILE A 212 -7.35 -10.88 -15.45
CA ILE A 212 -6.13 -10.43 -16.11
C ILE A 212 -5.64 -9.13 -15.50
N HIS A 213 -6.54 -8.31 -14.96
CA HIS A 213 -6.13 -7.03 -14.38
C HIS A 213 -5.18 -7.22 -13.20
N CYS A 214 -5.17 -8.40 -12.58
CA CYS A 214 -4.26 -8.64 -11.46
C CYS A 214 -2.80 -8.55 -11.89
N PHE A 215 -2.51 -8.75 -13.17
CA PHE A 215 -1.15 -8.71 -13.69
C PHE A 215 -0.84 -7.39 -14.40
N GLU A 216 -1.43 -6.29 -13.93
CA GLU A 216 -1.17 -4.99 -14.56
C GLU A 216 0.28 -4.56 -14.39
N GLY A 217 0.87 -4.81 -13.23
CA GLY A 217 2.20 -4.34 -12.90
C GLY A 217 3.34 -5.25 -13.34
N VAL A 218 3.06 -6.34 -14.06
CA VAL A 218 4.13 -7.23 -14.48
C VAL A 218 5.03 -6.52 -15.49
N THR A 219 6.33 -6.80 -15.38
CA THR A 219 7.31 -6.15 -16.26
C THR A 219 7.12 -6.58 -17.72
N ALA A 220 6.90 -7.87 -17.95
CA ALA A 220 6.76 -8.38 -19.30
C ALA A 220 5.91 -9.64 -19.28
N ILE A 221 5.38 -9.99 -20.45
CA ILE A 221 4.54 -11.17 -20.63
C ILE A 221 5.25 -12.09 -21.60
N ILE A 222 5.55 -13.31 -21.15
CA ILE A 222 6.20 -14.31 -21.99
C ILE A 222 5.11 -15.12 -22.68
N PHE A 223 4.90 -14.88 -23.98
CA PHE A 223 3.89 -15.56 -24.76
C PHE A 223 4.56 -16.64 -25.60
N CYS A 224 4.08 -17.88 -25.50
CA CYS A 224 4.68 -19.03 -26.16
C CYS A 224 3.70 -19.59 -27.18
N VAL A 225 4.19 -19.82 -28.39
CA VAL A 225 3.41 -20.43 -29.47
C VAL A 225 4.29 -21.46 -30.17
N ALA A 226 3.74 -22.64 -30.41
CA ALA A 226 4.49 -23.70 -31.07
C ALA A 226 4.42 -23.52 -32.59
N LEU A 227 5.57 -23.52 -33.24
CA LEU A 227 5.62 -23.33 -34.69
C LEU A 227 5.08 -24.54 -35.44
N SER A 228 5.17 -25.73 -34.86
CA SER A 228 4.67 -26.94 -35.50
C SER A 228 3.18 -27.13 -35.33
N ASP A 229 2.51 -26.22 -34.61
CA ASP A 229 1.08 -26.36 -34.33
C ASP A 229 0.20 -26.00 -35.51
N TYR A 230 0.78 -25.47 -36.60
CA TYR A 230 -0.04 -25.03 -37.73
C TYR A 230 -0.73 -26.20 -38.43
N ASP A 231 -0.13 -27.39 -38.38
CA ASP A 231 -0.70 -28.54 -39.07
C ASP A 231 -1.68 -29.34 -38.21
N LEU A 232 -1.93 -28.90 -36.98
CA LEU A 232 -2.82 -29.60 -36.07
C LEU A 232 -4.13 -28.86 -35.91
N VAL A 233 -5.22 -29.61 -35.86
CA VAL A 233 -6.55 -29.04 -35.69
C VAL A 233 -6.82 -28.79 -34.22
N ASN A 241 -5.49 -25.09 -37.40
CA ASN A 241 -6.56 -24.41 -36.67
C ASN A 241 -6.06 -23.92 -35.32
N ARG A 242 -5.17 -24.69 -34.70
CA ARG A 242 -4.62 -24.29 -33.41
C ARG A 242 -3.75 -23.04 -33.54
N MET A 243 -3.06 -22.87 -34.66
CA MET A 243 -2.32 -21.64 -34.89
C MET A 243 -3.26 -20.44 -34.93
N HIS A 244 -4.44 -20.62 -35.53
CA HIS A 244 -5.43 -19.56 -35.53
C HIS A 244 -5.89 -19.22 -34.11
N ALA A 245 -6.09 -20.25 -33.28
CA ALA A 245 -6.46 -20.01 -31.89
C ALA A 245 -5.35 -19.26 -31.15
N SER A 246 -4.10 -19.62 -31.40
CA SER A 246 -2.99 -18.90 -30.79
C SER A 246 -2.97 -17.44 -31.26
N MET A 247 -3.29 -17.21 -32.54
CA MET A 247 -3.33 -15.85 -33.05
C MET A 247 -4.43 -15.04 -32.36
N LYS A 248 -5.60 -15.64 -32.17
CA LYS A 248 -6.65 -14.93 -31.43
C LYS A 248 -6.24 -14.66 -29.99
N LEU A 249 -5.59 -15.62 -29.34
CA LEU A 249 -5.14 -15.40 -27.96
C LEU A 249 -4.13 -14.25 -27.91
N PHE A 250 -3.18 -14.23 -28.84
CA PHE A 250 -2.20 -13.15 -28.87
C PHE A 250 -2.86 -11.81 -29.15
N ASP A 251 -3.83 -11.78 -30.05
CA ASP A 251 -4.54 -10.54 -30.34
C ASP A 251 -5.28 -10.04 -29.11
N SER A 252 -5.94 -10.95 -28.40
CA SER A 252 -6.67 -10.55 -27.19
C SER A 252 -5.72 -10.01 -26.13
N ILE A 253 -4.58 -10.68 -25.93
CA ILE A 253 -3.63 -10.22 -24.93
C ILE A 253 -3.03 -8.88 -25.34
N CYS A 254 -2.70 -8.73 -26.62
CA CYS A 254 -2.01 -7.52 -27.09
C CYS A 254 -2.89 -6.28 -27.00
N ASN A 255 -4.19 -6.40 -27.32
CA ASN A 255 -5.09 -5.26 -27.36
C ASN A 255 -5.76 -4.98 -26.02
N ASN A 256 -5.43 -5.75 -24.98
CA ASN A 256 -6.02 -5.53 -23.68
C ASN A 256 -5.64 -4.15 -23.14
N LYS A 257 -6.62 -3.45 -22.57
CA LYS A 257 -6.37 -2.13 -22.01
C LYS A 257 -5.39 -2.20 -20.85
N TRP A 258 -5.39 -3.30 -20.09
CA TRP A 258 -4.51 -3.41 -18.93
C TRP A 258 -3.04 -3.54 -19.35
N PHE A 259 -2.78 -4.13 -20.52
CA PHE A 259 -1.42 -4.34 -20.99
C PHE A 259 -0.99 -3.29 -22.01
N THR A 260 -1.42 -2.04 -21.82
CA THR A 260 -1.15 -1.00 -22.80
C THR A 260 0.31 -0.54 -22.77
N ASP A 261 0.97 -0.64 -21.61
CA ASP A 261 2.39 -0.33 -21.50
C ASP A 261 3.23 -1.51 -21.01
N THR A 262 2.81 -2.74 -21.29
CA THR A 262 3.57 -3.93 -20.94
C THR A 262 4.03 -4.62 -22.22
N SER A 263 5.33 -4.94 -22.28
CA SER A 263 5.89 -5.61 -23.45
C SER A 263 5.53 -7.09 -23.44
N ILE A 264 5.58 -7.70 -24.62
CA ILE A 264 5.32 -9.12 -24.81
C ILE A 264 6.54 -9.76 -25.44
N ILE A 265 7.01 -10.86 -24.85
CA ILE A 265 8.15 -11.60 -25.37
C ILE A 265 7.60 -12.85 -26.04
N LEU A 266 7.86 -12.98 -27.34
CA LEU A 266 7.35 -14.10 -28.12
C LEU A 266 8.40 -15.21 -28.17
N PHE A 267 8.01 -16.40 -27.73
CA PHE A 267 8.87 -17.57 -27.76
C PHE A 267 8.26 -18.58 -28.73
N LEU A 268 8.89 -18.75 -29.88
CA LEU A 268 8.40 -19.67 -30.91
C LEU A 268 9.01 -21.04 -30.64
N ASN A 269 8.22 -21.94 -30.06
CA ASN A 269 8.70 -23.25 -29.67
C ASN A 269 8.65 -24.21 -30.84
N LYS A 270 9.21 -25.41 -30.62
CA LYS A 270 9.24 -26.47 -31.64
C LYS A 270 9.95 -25.97 -32.89
N LYS A 271 11.18 -25.49 -32.71
CA LYS A 271 11.95 -24.99 -33.83
C LYS A 271 12.29 -26.09 -34.83
N ASP A 272 12.79 -27.23 -34.32
CA ASP A 272 13.17 -28.33 -35.20
C ASP A 272 11.94 -29.02 -35.80
N LEU A 273 10.90 -29.20 -34.99
CA LEU A 273 9.70 -29.84 -35.50
C LEU A 273 9.09 -29.04 -36.64
N PHE A 274 9.15 -27.70 -36.56
CA PHE A 274 8.66 -26.88 -37.66
C PHE A 274 9.44 -27.13 -38.93
N GLU A 275 10.77 -27.22 -38.83
CA GLU A 275 11.60 -27.45 -40.01
C GLU A 275 11.31 -28.81 -40.63
N GLU A 276 11.12 -29.84 -39.80
CA GLU A 276 10.69 -31.13 -40.34
C GLU A 276 9.31 -31.05 -40.98
N LYS A 277 8.39 -30.29 -40.37
CA LYS A 277 7.03 -30.19 -40.91
C LYS A 277 7.02 -29.46 -42.26
N ILE A 278 7.91 -28.49 -42.45
CA ILE A 278 7.90 -27.72 -43.69
C ILE A 278 8.12 -28.64 -44.89
N LYS A 279 9.01 -29.62 -44.75
CA LYS A 279 9.31 -30.52 -45.86
C LYS A 279 8.16 -31.46 -46.19
N LYS A 280 7.21 -31.64 -45.28
CA LYS A 280 6.07 -32.54 -45.48
C LYS A 280 4.79 -31.80 -45.80
N SER A 281 4.48 -30.74 -45.05
CA SER A 281 3.25 -29.98 -45.23
C SER A 281 3.60 -28.51 -45.49
N PRO A 282 3.00 -27.86 -46.48
CA PRO A 282 3.32 -26.45 -46.71
C PRO A 282 2.57 -25.53 -45.78
N LEU A 283 3.10 -24.31 -45.63
CA LEU A 283 2.50 -23.34 -44.71
C LEU A 283 1.18 -22.81 -45.25
N THR A 284 0.90 -23.00 -46.54
CA THR A 284 -0.26 -22.38 -47.17
C THR A 284 -1.57 -23.08 -46.86
N ILE A 285 -1.57 -24.14 -46.04
CA ILE A 285 -2.82 -24.83 -45.74
C ILE A 285 -3.75 -23.92 -44.96
N CYS A 286 -3.24 -23.30 -43.89
CA CYS A 286 -4.01 -22.38 -43.07
C CYS A 286 -3.68 -20.92 -43.34
N TYR A 287 -2.82 -20.65 -44.32
CA TYR A 287 -2.41 -19.28 -44.67
C TYR A 287 -2.64 -19.11 -46.16
N PRO A 288 -3.89 -18.96 -46.60
CA PRO A 288 -4.15 -18.86 -48.06
C PRO A 288 -3.47 -17.67 -48.70
N GLU A 289 -3.35 -16.55 -47.99
CA GLU A 289 -2.71 -15.37 -48.57
C GLU A 289 -1.22 -15.58 -48.79
N TYR A 290 -0.61 -16.54 -48.09
CA TYR A 290 0.82 -16.77 -48.24
C TYR A 290 1.13 -17.28 -49.64
N ALA A 291 2.18 -16.74 -50.25
CA ALA A 291 2.63 -17.17 -51.56
C ALA A 291 4.14 -16.97 -51.63
N GLY A 292 4.89 -18.05 -51.47
CA GLY A 292 6.34 -17.97 -51.51
C GLY A 292 6.97 -19.34 -51.39
N SER A 293 8.29 -19.36 -51.48
CA SER A 293 9.03 -20.62 -51.40
C SER A 293 8.87 -21.24 -50.01
N ASN A 294 8.93 -22.57 -49.96
CA ASN A 294 8.78 -23.32 -48.71
C ASN A 294 10.17 -23.60 -48.16
N THR A 295 10.63 -22.74 -47.26
CA THR A 295 11.93 -22.90 -46.63
C THR A 295 11.85 -22.42 -45.19
N TYR A 296 12.80 -22.87 -44.37
CA TYR A 296 12.77 -22.57 -42.95
C TYR A 296 12.92 -21.07 -42.70
N GLU A 297 13.90 -20.44 -43.35
CA GLU A 297 14.14 -19.02 -43.10
C GLU A 297 12.92 -18.18 -43.44
N GLU A 298 12.39 -18.33 -44.65
CA GLU A 298 11.30 -17.47 -45.10
C GLU A 298 10.00 -17.81 -44.37
N ALA A 299 9.77 -19.09 -44.10
CA ALA A 299 8.58 -19.47 -43.34
C ALA A 299 8.62 -18.87 -41.94
N ALA A 300 9.77 -18.95 -41.27
CA ALA A 300 9.90 -18.37 -39.94
C ALA A 300 9.71 -16.86 -39.98
N ALA A 301 10.31 -16.20 -40.97
CA ALA A 301 10.15 -14.75 -41.08
C ALA A 301 8.69 -14.38 -41.33
N TYR A 302 8.00 -15.16 -42.18
CA TYR A 302 6.60 -14.88 -42.47
C TYR A 302 5.75 -15.03 -41.21
N ILE A 303 5.97 -16.10 -40.44
CA ILE A 303 5.23 -16.28 -39.20
C ILE A 303 5.52 -15.15 -38.23
N GLN A 304 6.77 -14.72 -38.16
CA GLN A 304 7.14 -13.62 -37.28
C GLN A 304 6.37 -12.36 -37.64
N CYS A 305 6.41 -11.96 -38.91
CA CYS A 305 5.74 -10.72 -39.29
C CYS A 305 4.22 -10.86 -39.27
N GLN A 306 3.69 -12.08 -39.37
CA GLN A 306 2.26 -12.27 -39.24
C GLN A 306 1.82 -12.18 -37.78
N PHE A 307 2.68 -12.57 -36.85
CA PHE A 307 2.41 -12.36 -35.43
C PHE A 307 2.63 -10.93 -35.00
N GLU A 308 3.50 -10.19 -35.70
CA GLU A 308 3.82 -8.82 -35.30
C GLU A 308 2.74 -7.80 -35.67
N ASP A 309 2.08 -7.96 -36.82
CA ASP A 309 1.19 -6.90 -37.30
C ASP A 309 0.01 -6.65 -36.37
N LEU A 310 -0.37 -7.65 -35.56
CA LEU A 310 -1.54 -7.50 -34.69
C LEU A 310 -1.30 -6.49 -33.58
N ASN A 311 -0.07 -6.04 -33.37
CA ASN A 311 0.21 -5.04 -32.34
C ASN A 311 -0.25 -3.67 -32.83
N LYS A 312 -1.52 -3.34 -32.59
CA LYS A 312 -2.06 -2.08 -33.08
C LYS A 312 -1.34 -0.90 -32.44
N ARG A 313 -1.06 -0.97 -31.14
CA ARG A 313 -0.36 0.11 -30.44
C ARG A 313 1.14 -0.15 -30.51
N LYS A 314 1.68 0.06 -31.71
CA LYS A 314 3.09 -0.24 -31.97
C LYS A 314 4.01 0.74 -31.26
N ASP A 315 3.59 2.00 -31.10
CA ASP A 315 4.47 3.02 -30.55
C ASP A 315 4.88 2.69 -29.12
N THR A 316 3.94 2.22 -28.31
CA THR A 316 4.23 1.98 -26.89
C THR A 316 4.91 0.64 -26.67
N LYS A 317 4.28 -0.44 -27.13
CA LYS A 317 4.77 -1.77 -26.84
C LYS A 317 5.93 -2.16 -27.75
N GLU A 318 6.69 -3.16 -27.31
CA GLU A 318 7.81 -3.70 -28.06
C GLU A 318 7.79 -5.21 -27.95
N ILE A 319 7.65 -5.89 -29.08
CA ILE A 319 7.57 -7.35 -29.12
C ILE A 319 8.96 -7.89 -29.43
N TYR A 320 9.53 -8.64 -28.49
CA TYR A 320 10.86 -9.22 -28.64
C TYR A 320 10.71 -10.69 -29.00
N THR A 321 10.49 -10.94 -30.28
CA THR A 321 10.33 -12.31 -30.76
C THR A 321 11.68 -13.03 -30.77
N HIS A 322 11.67 -14.30 -30.40
CA HIS A 322 12.88 -15.10 -30.37
C HIS A 322 12.51 -16.56 -30.56
N PHE A 323 13.41 -17.30 -31.21
CA PHE A 323 13.22 -18.71 -31.50
C PHE A 323 13.85 -19.55 -30.40
N THR A 324 13.07 -20.50 -29.86
CA THR A 324 13.60 -21.38 -28.82
C THR A 324 14.76 -22.20 -29.36
N CYS A 325 15.82 -22.29 -28.57
CA CYS A 325 17.02 -23.02 -28.94
C CYS A 325 17.21 -24.19 -27.97
N SER A 326 17.58 -25.35 -28.52
CA SER A 326 17.81 -26.52 -27.68
C SER A 326 18.94 -26.29 -26.71
N THR A 327 19.99 -25.59 -27.14
CA THR A 327 21.11 -25.30 -26.27
C THR A 327 20.65 -24.48 -25.07
N ASP A 328 21.14 -24.86 -23.89
CA ASP A 328 20.76 -24.18 -22.67
C ASP A 328 21.55 -22.89 -22.49
N THR A 329 21.13 -22.08 -21.52
CA THR A 329 21.77 -20.82 -21.17
C THR A 329 21.68 -19.78 -22.27
N LYS A 330 20.70 -19.90 -23.16
CA LYS A 330 20.50 -18.94 -24.24
C LYS A 330 19.14 -18.25 -24.16
N ASN A 331 18.07 -18.99 -23.95
CA ASN A 331 16.75 -18.38 -23.79
C ASN A 331 16.71 -17.46 -22.58
N VAL A 332 17.32 -17.89 -21.48
CA VAL A 332 17.35 -17.07 -20.27
C VAL A 332 18.14 -15.79 -20.52
N GLN A 333 19.21 -15.85 -21.32
CA GLN A 333 19.92 -14.63 -21.69
C GLN A 333 19.00 -13.67 -22.44
N PHE A 334 18.22 -14.17 -23.39
CA PHE A 334 17.32 -13.30 -24.14
C PHE A 334 16.25 -12.71 -23.23
N VAL A 335 15.70 -13.52 -22.32
CA VAL A 335 14.70 -13.02 -21.39
C VAL A 335 15.28 -11.91 -20.52
N PHE A 336 16.49 -12.13 -20.00
CA PHE A 336 17.13 -11.13 -19.15
C PHE A 336 17.39 -9.85 -19.94
N ASP A 337 17.86 -9.97 -21.17
CA ASP A 337 18.12 -8.78 -21.98
C ASP A 337 16.84 -8.00 -22.26
N ALA A 338 15.76 -8.71 -22.61
CA ALA A 338 14.49 -8.04 -22.85
C ALA A 338 13.98 -7.35 -21.59
N VAL A 339 14.09 -8.02 -20.44
CA VAL A 339 13.60 -7.43 -19.20
C VAL A 339 14.44 -6.21 -18.83
N THR A 340 15.75 -6.27 -19.05
CA THR A 340 16.60 -5.11 -18.80
C THR A 340 16.21 -3.94 -19.70
N ASP A 341 15.94 -4.23 -20.98
CA ASP A 341 15.51 -3.17 -21.89
C ASP A 341 14.20 -2.56 -21.42
N VAL A 342 13.24 -3.39 -21.01
CA VAL A 342 11.96 -2.87 -20.55
C VAL A 342 12.14 -2.01 -19.31
N ILE A 343 12.98 -2.48 -18.37
CA ILE A 343 13.20 -1.72 -17.14
C ILE A 343 13.87 -0.39 -17.45
N ILE A 344 14.81 -0.37 -18.39
CA ILE A 344 15.42 0.89 -18.82
C ILE A 344 14.35 1.80 -19.40
N LYS A 345 13.42 1.24 -20.17
CA LYS A 345 12.35 2.05 -20.74
C LYS A 345 11.47 2.67 -19.65
N ASN A 346 11.12 1.89 -18.63
CA ASN A 346 10.33 2.45 -17.54
C ASN A 346 11.11 3.52 -16.78
N ASN A 347 12.41 3.29 -16.56
CA ASN A 347 13.22 4.29 -15.88
C ASN A 347 13.26 5.60 -16.67
N LEU A 348 13.42 5.50 -17.99
CA LEU A 348 13.42 6.71 -18.82
C LEU A 348 12.05 7.36 -18.83
N LYS A 349 10.97 6.57 -18.82
CA LYS A 349 9.64 7.15 -18.71
C LYS A 349 9.50 7.96 -17.43
N ASP A 350 9.99 7.43 -16.32
CA ASP A 350 9.92 8.16 -15.06
C ASP A 350 10.84 9.38 -15.06
N CYS A 351 11.97 9.32 -15.78
CA CYS A 351 12.85 10.48 -15.85
C CYS A 351 12.16 11.68 -16.47
N GLY A 352 11.41 11.46 -17.55
CA GLY A 352 10.76 12.53 -18.25
C GLY A 352 11.26 12.67 -19.68
N LEU A 353 11.74 11.57 -20.24
CA LEU A 353 12.23 11.56 -21.62
C LEU A 353 11.30 10.83 -22.59
N PHE A 354 10.50 9.88 -22.09
CA PHE A 354 9.52 9.19 -22.92
C PHE A 354 8.11 9.72 -22.64
N SER B 6 -38.87 -36.06 -31.40
CA SER B 6 -38.74 -35.31 -30.12
C SER B 6 -37.28 -34.90 -29.88
N GLU B 7 -36.51 -35.79 -29.27
CA GLU B 7 -35.07 -35.63 -29.04
C GLU B 7 -34.81 -34.21 -28.50
N LEU B 8 -33.60 -33.69 -28.74
CA LEU B 8 -33.23 -32.40 -28.16
C LEU B 8 -34.16 -31.28 -28.61
N ASP B 9 -34.79 -31.41 -29.78
CA ASP B 9 -35.68 -30.36 -30.25
C ASP B 9 -36.85 -30.16 -29.29
N GLN B 10 -37.51 -31.26 -28.89
CA GLN B 10 -38.64 -31.15 -27.99
C GLN B 10 -38.21 -30.62 -26.62
N LEU B 11 -37.06 -31.07 -26.12
CA LEU B 11 -36.58 -30.59 -24.83
C LEU B 11 -36.28 -29.09 -24.87
N ARG B 12 -35.63 -28.63 -25.95
CA ARG B 12 -35.33 -27.21 -26.07
C ARG B 12 -36.61 -26.39 -26.20
N GLN B 13 -37.59 -26.89 -26.95
CA GLN B 13 -38.86 -26.19 -27.04
C GLN B 13 -39.57 -26.14 -25.70
N GLU B 14 -39.51 -27.22 -24.92
CA GLU B 14 -40.09 -27.21 -23.59
C GLU B 14 -39.40 -26.19 -22.70
N ALA B 15 -38.07 -26.12 -22.76
CA ALA B 15 -37.34 -25.13 -21.98
C ALA B 15 -37.74 -23.72 -22.38
N GLU B 16 -37.88 -23.47 -23.68
CA GLU B 16 -38.33 -22.16 -24.14
C GLU B 16 -39.73 -21.87 -23.63
N GLN B 17 -40.60 -22.87 -23.60
CA GLN B 17 -41.96 -22.66 -23.11
C GLN B 17 -41.96 -22.31 -21.64
N LEU B 18 -41.12 -22.99 -20.84
CA LEU B 18 -40.98 -22.58 -19.44
C LEU B 18 -40.45 -21.16 -19.33
N LYS B 19 -39.51 -20.78 -20.20
CA LYS B 19 -38.98 -19.42 -20.15
C LYS B 19 -40.10 -18.40 -20.41
N ASN B 20 -40.91 -18.64 -21.44
CA ASN B 20 -42.01 -17.72 -21.74
C ASN B 20 -43.02 -17.69 -20.61
N GLN B 21 -43.34 -18.85 -20.05
CA GLN B 21 -44.31 -18.90 -18.96
C GLN B 21 -43.80 -18.13 -17.75
N ILE B 22 -42.52 -18.27 -17.43
CA ILE B 22 -41.95 -17.56 -16.28
C ILE B 22 -41.91 -16.07 -16.55
N ARG B 23 -41.60 -15.66 -17.78
CA ARG B 23 -41.61 -14.24 -18.11
C ARG B 23 -43.02 -13.66 -17.98
N ASP B 24 -44.02 -14.40 -18.45
CA ASP B 24 -45.40 -13.95 -18.32
C ASP B 24 -45.82 -13.89 -16.86
N ALA B 25 -45.38 -14.85 -16.05
CA ALA B 25 -45.68 -14.82 -14.62
C ALA B 25 -45.04 -13.60 -13.96
N ARG B 26 -43.80 -13.30 -14.32
CA ARG B 26 -43.17 -12.08 -13.81
C ARG B 26 -43.96 -10.85 -14.21
N LYS B 27 -44.42 -10.78 -15.45
CA LYS B 27 -45.28 -9.69 -15.88
C LYS B 27 -46.60 -9.66 -15.12
N ALA B 28 -47.08 -10.81 -14.65
CA ALA B 28 -48.39 -10.86 -13.99
C ALA B 28 -48.39 -10.04 -12.71
N CYS B 29 -47.36 -10.16 -11.90
CA CYS B 29 -47.27 -9.44 -10.64
C CYS B 29 -46.87 -7.98 -10.81
N ALA B 30 -46.49 -7.58 -12.03
CA ALA B 30 -46.14 -6.19 -12.28
C ALA B 30 -47.31 -5.28 -11.94
N ASP B 31 -47.10 -4.42 -10.95
CA ASP B 31 -48.15 -3.50 -10.51
C ASP B 31 -47.76 -2.06 -10.82
N ALA B 32 -46.56 -1.66 -10.38
CA ALA B 32 -46.07 -0.32 -10.64
C ALA B 32 -44.61 -0.24 -10.23
N THR B 33 -43.84 0.56 -10.95
CA THR B 33 -42.44 0.79 -10.59
C THR B 33 -42.36 1.49 -9.25
N LEU B 34 -41.31 1.16 -8.48
CA LEU B 34 -41.17 1.73 -7.16
C LEU B 34 -40.95 3.24 -7.18
N SER B 35 -40.54 3.78 -8.33
CA SER B 35 -40.25 5.22 -8.40
C SER B 35 -41.48 6.06 -8.11
N GLN B 36 -42.64 5.69 -8.69
CA GLN B 36 -43.84 6.50 -8.48
C GLN B 36 -44.37 6.38 -7.06
N ILE B 37 -44.36 5.18 -6.49
CA ILE B 37 -44.85 5.03 -5.11
C ILE B 37 -43.90 5.71 -4.13
N THR B 38 -42.60 5.71 -4.40
CA THR B 38 -41.63 6.39 -3.55
C THR B 38 -41.68 7.90 -3.70
N ASN B 39 -42.48 8.43 -4.62
CA ASN B 39 -42.63 9.87 -4.74
C ASN B 39 -43.19 10.49 -3.46
N ASN B 40 -43.90 9.70 -2.65
CA ASN B 40 -44.49 10.23 -1.42
C ASN B 40 -43.42 10.60 -0.40
N ILE B 41 -42.40 9.77 -0.24
CA ILE B 41 -41.38 10.01 0.76
C ILE B 41 -40.43 11.09 0.27
N ASP B 42 -40.00 11.96 1.19
CA ASP B 42 -39.12 13.06 0.83
C ASP B 42 -37.74 12.53 0.44
N PRO B 43 -37.06 13.21 -0.48
CA PRO B 43 -35.70 12.79 -0.83
C PRO B 43 -34.74 12.97 0.33
N VAL B 44 -33.71 12.11 0.37
CA VAL B 44 -32.68 12.23 1.40
C VAL B 44 -31.90 13.52 1.21
N GLY B 45 -31.58 13.86 -0.03
CA GLY B 45 -30.82 15.06 -0.32
C GLY B 45 -29.33 14.82 -0.33
N ARG B 46 -28.60 15.88 -0.66
CA ARG B 46 -27.14 15.80 -0.74
C ARG B 46 -26.57 15.42 0.62
N ILE B 47 -25.61 14.51 0.62
CA ILE B 47 -24.97 14.01 1.83
C ILE B 47 -23.49 14.39 1.76
N GLN B 48 -23.02 15.13 2.75
CA GLN B 48 -21.61 15.51 2.84
C GLN B 48 -20.87 14.45 3.66
N MET B 49 -19.82 13.89 3.08
CA MET B 49 -19.05 12.83 3.70
C MET B 49 -17.58 13.19 3.73
N ARG B 50 -16.92 12.91 4.85
CA ARG B 50 -15.52 13.22 5.04
C ARG B 50 -14.78 11.98 5.53
N THR B 51 -13.49 11.93 5.24
CA THR B 51 -12.63 10.82 5.65
C THR B 51 -12.03 11.15 7.01
N ARG B 52 -12.48 10.46 8.05
CA ARG B 52 -11.95 10.68 9.39
C ARG B 52 -10.58 10.04 9.59
N ARG B 53 -10.35 8.85 9.03
CA ARG B 53 -9.10 8.14 9.20
C ARG B 53 -8.58 7.70 7.84
N THR B 54 -7.26 7.60 7.72
CA THR B 54 -6.61 7.17 6.50
C THR B 54 -5.65 6.03 6.83
N LEU B 55 -5.91 4.85 6.30
CA LEU B 55 -5.08 3.67 6.51
C LEU B 55 -4.13 3.54 5.34
N ARG B 56 -2.84 3.81 5.58
CA ARG B 56 -1.82 3.77 4.54
C ARG B 56 -0.82 2.64 4.74
N GLY B 57 -1.19 1.62 5.53
CA GLY B 57 -0.28 0.51 5.75
C GLY B 57 -0.03 -0.29 4.49
N HIS B 58 -1.08 -0.55 3.71
CA HIS B 58 -0.93 -1.34 2.50
C HIS B 58 -0.12 -0.58 1.46
N LEU B 59 0.59 -1.35 0.62
CA LEU B 59 1.43 -0.81 -0.42
C LEU B 59 1.04 -1.26 -1.82
N ALA B 60 0.21 -2.28 -1.95
CA ALA B 60 -0.25 -2.79 -3.23
C ALA B 60 -1.74 -2.53 -3.37
N LYS B 61 -2.30 -2.98 -4.49
CA LYS B 61 -3.72 -2.77 -4.76
C LYS B 61 -4.57 -3.59 -3.80
N ILE B 62 -5.52 -2.92 -3.14
CA ILE B 62 -6.45 -3.59 -2.24
C ILE B 62 -7.65 -4.07 -3.05
N TYR B 63 -8.03 -5.32 -2.84
CA TYR B 63 -9.09 -5.96 -3.62
C TYR B 63 -10.37 -6.20 -2.82
N ALA B 64 -10.26 -6.72 -1.60
CA ALA B 64 -11.43 -7.06 -0.81
C ALA B 64 -11.19 -6.71 0.65
N MET B 65 -12.29 -6.44 1.36
CA MET B 65 -12.25 -6.16 2.79
C MET B 65 -13.61 -6.50 3.38
N HIS B 66 -13.64 -6.65 4.71
CA HIS B 66 -14.88 -6.96 5.40
C HIS B 66 -14.79 -6.43 6.83
N TRP B 67 -15.93 -5.97 7.35
CA TRP B 67 -16.02 -5.48 8.71
C TRP B 67 -16.33 -6.62 9.67
N GLY B 68 -16.01 -6.39 10.95
CA GLY B 68 -16.34 -7.34 12.00
C GLY B 68 -17.69 -7.05 12.64
N THR B 69 -18.14 -7.98 13.47
CA THR B 69 -19.41 -7.82 14.17
C THR B 69 -19.34 -6.75 15.24
N ASP B 70 -18.14 -6.42 15.73
CA ASP B 70 -17.99 -5.38 16.74
C ASP B 70 -17.98 -3.98 16.14
N SER B 71 -18.00 -3.85 14.82
CA SER B 71 -17.99 -2.56 14.13
C SER B 71 -16.70 -1.78 14.41
N ARG B 72 -15.66 -2.45 14.90
CA ARG B 72 -14.38 -1.83 15.19
C ARG B 72 -13.24 -2.42 14.37
N LEU B 73 -13.16 -3.75 14.30
CA LEU B 73 -12.08 -4.42 13.59
C LEU B 73 -12.51 -4.78 12.17
N LEU B 74 -11.61 -4.55 11.21
CA LEU B 74 -11.85 -4.90 9.82
C LEU B 74 -10.60 -5.58 9.27
N VAL B 75 -10.81 -6.42 8.26
CA VAL B 75 -9.75 -7.19 7.63
C VAL B 75 -9.63 -6.73 6.19
N SER B 76 -8.39 -6.48 5.75
CA SER B 76 -8.11 -5.98 4.41
C SER B 76 -7.25 -6.99 3.66
N ALA B 77 -7.51 -7.15 2.38
CA ALA B 77 -6.76 -8.05 1.52
C ALA B 77 -6.21 -7.28 0.34
N SER B 78 -4.91 -7.45 0.08
CA SER B 78 -4.23 -6.76 -1.02
C SER B 78 -3.32 -7.76 -1.72
N GLN B 79 -2.96 -7.41 -2.96
CA GLN B 79 -2.20 -8.33 -3.81
C GLN B 79 -0.77 -8.53 -3.35
N ASP B 80 -0.26 -7.72 -2.42
CA ASP B 80 1.08 -7.93 -1.90
C ASP B 80 1.20 -9.21 -1.09
N GLY B 81 0.08 -9.82 -0.70
CA GLY B 81 0.11 -11.07 0.03
C GLY B 81 0.13 -10.87 1.53
N LYS B 82 -0.61 -9.87 2.03
CA LYS B 82 -0.66 -9.57 3.45
C LYS B 82 -2.09 -9.21 3.83
N LEU B 83 -2.53 -9.73 4.97
CA LEU B 83 -3.80 -9.35 5.58
C LEU B 83 -3.53 -8.51 6.81
N ILE B 84 -4.17 -7.35 6.89
CA ILE B 84 -3.97 -6.40 7.98
C ILE B 84 -5.31 -6.21 8.69
N ILE B 85 -5.32 -6.41 10.00
CA ILE B 85 -6.50 -6.17 10.81
C ILE B 85 -6.39 -4.75 11.35
N TRP B 86 -7.27 -3.86 10.90
CA TRP B 86 -7.21 -2.44 11.21
C TRP B 86 -8.15 -2.11 12.36
N ASP B 87 -7.64 -1.38 13.34
CA ASP B 87 -8.47 -0.82 14.41
C ASP B 87 -8.96 0.54 13.95
N SER B 88 -10.25 0.63 13.63
CA SER B 88 -10.79 1.85 13.03
C SER B 88 -10.65 3.04 13.97
N TYR B 89 -10.91 2.84 15.26
CA TYR B 89 -10.90 3.96 16.20
C TYR B 89 -9.53 4.63 16.27
N THR B 90 -8.46 3.83 16.34
CA THR B 90 -7.12 4.35 16.58
C THR B 90 -6.16 4.09 15.43
N THR B 91 -6.63 3.50 14.33
CA THR B 91 -5.79 3.25 13.16
C THR B 91 -4.55 2.46 13.55
N ASN B 92 -4.75 1.34 14.22
CA ASN B 92 -3.69 0.45 14.66
C ASN B 92 -3.84 -0.92 14.01
N LYS B 93 -2.72 -1.54 13.68
CA LYS B 93 -2.70 -2.85 13.05
C LYS B 93 -2.70 -3.92 14.14
N VAL B 94 -3.86 -4.54 14.36
CA VAL B 94 -3.95 -5.57 15.40
C VAL B 94 -3.10 -6.78 15.02
N HIS B 95 -3.18 -7.21 13.77
CA HIS B 95 -2.43 -8.38 13.31
C HIS B 95 -2.00 -8.18 11.87
N ALA B 96 -0.93 -8.86 11.49
CA ALA B 96 -0.41 -8.87 10.13
C ALA B 96 -0.17 -10.33 9.73
N ILE B 97 -1.00 -10.85 8.85
CA ILE B 97 -0.98 -12.26 8.45
C ILE B 97 -0.32 -12.35 7.09
N PRO B 98 0.88 -12.93 6.98
CA PRO B 98 1.47 -13.15 5.65
C PRO B 98 0.80 -14.30 4.94
N LEU B 99 0.51 -14.11 3.65
CA LEU B 99 -0.19 -15.08 2.83
C LEU B 99 0.79 -15.82 1.93
N ARG B 100 0.62 -17.14 1.84
CA ARG B 100 1.46 -17.93 0.94
C ARG B 100 1.20 -17.58 -0.52
N SER B 101 -0.06 -17.32 -0.88
CA SER B 101 -0.43 -16.93 -2.24
C SER B 101 -0.74 -15.45 -2.25
N SER B 102 0.15 -14.67 -2.88
CA SER B 102 -0.03 -13.22 -2.92
C SER B 102 -1.24 -12.81 -3.75
N TRP B 103 -1.72 -13.67 -4.64
CA TRP B 103 -2.85 -13.36 -5.51
C TRP B 103 -4.15 -13.64 -4.74
N VAL B 104 -4.50 -12.68 -3.90
CA VAL B 104 -5.70 -12.77 -3.06
C VAL B 104 -6.63 -11.63 -3.45
N MET B 105 -7.90 -11.96 -3.69
CA MET B 105 -8.90 -10.96 -4.07
C MET B 105 -10.19 -11.09 -3.28
N THR B 106 -10.21 -11.90 -2.22
CA THR B 106 -11.40 -12.01 -1.37
C THR B 106 -10.96 -12.31 0.05
N CYS B 107 -11.72 -11.77 1.00
CA CYS B 107 -11.47 -12.02 2.42
C CYS B 107 -12.75 -11.76 3.18
N ALA B 108 -12.83 -12.34 4.38
CA ALA B 108 -14.01 -12.20 5.22
C ALA B 108 -13.61 -12.30 6.67
N TYR B 109 -14.48 -11.77 7.54
CA TYR B 109 -14.28 -11.80 8.98
C TYR B 109 -15.37 -12.65 9.61
N ALA B 110 -14.97 -13.58 10.47
CA ALA B 110 -15.94 -14.45 11.11
C ALA B 110 -16.86 -13.64 12.02
N PRO B 111 -18.14 -14.01 12.11
CA PRO B 111 -19.05 -13.23 12.97
C PRO B 111 -18.61 -13.19 14.42
N SER B 112 -17.99 -14.26 14.93
CA SER B 112 -17.51 -14.28 16.30
C SER B 112 -16.14 -13.63 16.46
N GLY B 113 -15.46 -13.31 15.37
CA GLY B 113 -14.17 -12.66 15.45
C GLY B 113 -13.02 -13.56 15.81
N ASN B 114 -13.17 -14.88 15.65
CA ASN B 114 -12.10 -15.82 15.95
C ASN B 114 -11.38 -16.33 14.72
N TYR B 115 -12.00 -16.26 13.55
CA TYR B 115 -11.41 -16.79 12.32
C TYR B 115 -11.53 -15.78 11.19
N VAL B 116 -10.60 -15.86 10.24
CA VAL B 116 -10.64 -15.08 9.01
C VAL B 116 -10.31 -16.02 7.86
N ALA B 117 -10.78 -15.63 6.67
CA ALA B 117 -10.58 -16.44 5.47
C ALA B 117 -10.10 -15.54 4.34
N CYS B 118 -9.39 -16.15 3.40
CA CYS B 118 -8.86 -15.44 2.25
C CYS B 118 -8.77 -16.38 1.06
N GLY B 119 -8.69 -15.80 -0.13
CA GLY B 119 -8.58 -16.58 -1.34
C GLY B 119 -8.42 -15.68 -2.54
N GLY B 120 -8.25 -16.30 -3.70
CA GLY B 120 -8.10 -15.55 -4.93
C GLY B 120 -7.79 -16.42 -6.13
N LEU B 121 -6.79 -16.01 -6.92
CA LEU B 121 -6.44 -16.77 -8.11
C LEU B 121 -6.02 -18.19 -7.77
N ASP B 122 -5.48 -18.42 -6.57
CA ASP B 122 -5.21 -19.77 -6.10
C ASP B 122 -6.52 -20.46 -5.76
N ASN B 123 -6.57 -21.78 -6.00
CA ASN B 123 -7.77 -22.57 -5.78
C ASN B 123 -7.94 -23.03 -4.34
N ILE B 124 -7.28 -22.38 -3.39
CA ILE B 124 -7.32 -22.76 -1.98
C ILE B 124 -7.88 -21.60 -1.18
N CYS B 125 -8.84 -21.88 -0.30
CA CYS B 125 -9.42 -20.89 0.60
C CYS B 125 -8.85 -21.14 2.00
N SER B 126 -7.76 -20.47 2.31
CA SER B 126 -7.09 -20.66 3.59
C SER B 126 -7.89 -20.03 4.73
N ILE B 127 -7.86 -20.69 5.88
CA ILE B 127 -8.53 -20.21 7.09
C ILE B 127 -7.46 -19.97 8.15
N TYR B 128 -7.49 -18.79 8.77
CA TYR B 128 -6.52 -18.39 9.77
C TYR B 128 -7.21 -18.24 11.12
N ASN B 129 -6.48 -18.57 12.18
CA ASN B 129 -6.96 -18.42 13.55
C ASN B 129 -6.31 -17.19 14.18
N LEU B 130 -7.12 -16.33 14.78
CA LEU B 130 -6.63 -15.08 15.34
C LEU B 130 -6.33 -15.17 16.83
N LYS B 131 -7.04 -16.04 17.56
CA LYS B 131 -6.93 -16.13 19.01
C LYS B 131 -6.13 -17.35 19.44
N THR B 132 -5.09 -17.71 18.68
CA THR B 132 -4.24 -18.83 19.08
C THR B 132 -3.51 -18.51 20.37
N ARG B 133 -3.46 -19.49 21.27
CA ARG B 133 -2.82 -19.26 22.57
C ARG B 133 -1.33 -18.97 22.42
N GLU B 134 -0.72 -19.42 21.33
CA GLU B 134 0.69 -19.13 21.09
C GLU B 134 0.92 -17.66 20.78
N GLY B 135 -0.13 -16.90 20.47
CA GLY B 135 -0.02 -15.49 20.19
C GLY B 135 0.23 -15.12 18.74
N ASN B 136 0.42 -16.11 17.87
CA ASN B 136 0.66 -15.88 16.45
C ASN B 136 -0.50 -16.43 15.63
N VAL B 137 -0.58 -15.99 14.39
CA VAL B 137 -1.63 -16.41 13.47
C VAL B 137 -1.12 -17.59 12.65
N ARG B 138 -1.89 -18.67 12.61
CA ARG B 138 -1.53 -19.88 11.88
C ARG B 138 -2.71 -20.36 11.07
N VAL B 139 -2.40 -21.13 10.03
CA VAL B 139 -3.44 -21.64 9.13
C VAL B 139 -4.12 -22.82 9.80
N SER B 140 -5.45 -22.83 9.77
CA SER B 140 -6.25 -23.88 10.38
C SER B 140 -6.69 -24.94 9.38
N ARG B 141 -7.23 -24.52 8.23
CA ARG B 141 -7.70 -25.45 7.21
C ARG B 141 -7.26 -24.97 5.84
N GLU B 142 -7.11 -25.91 4.91
CA GLU B 142 -6.73 -25.63 3.53
C GLU B 142 -7.82 -26.21 2.63
N LEU B 143 -8.79 -25.40 2.25
CA LEU B 143 -9.90 -25.84 1.40
C LEU B 143 -9.45 -25.77 -0.05
N ALA B 144 -8.87 -26.86 -0.54
CA ALA B 144 -8.30 -26.93 -1.88
C ALA B 144 -9.10 -27.82 -2.83
N GLY B 145 -10.38 -28.05 -2.53
CA GLY B 145 -11.20 -28.91 -3.37
C GLY B 145 -11.67 -28.26 -4.66
N HIS B 146 -11.58 -26.94 -4.76
CA HIS B 146 -12.03 -26.24 -5.96
C HIS B 146 -10.99 -26.37 -7.06
N THR B 147 -11.45 -26.17 -8.30
CA THR B 147 -10.59 -26.20 -9.47
C THR B 147 -10.30 -24.81 -10.03
N GLY B 148 -11.33 -23.97 -10.17
CA GLY B 148 -11.14 -22.61 -10.63
C GLY B 148 -10.71 -21.68 -9.52
N TYR B 149 -10.44 -20.44 -9.91
CA TYR B 149 -10.01 -19.43 -8.94
C TYR B 149 -11.15 -19.06 -8.01
N LEU B 150 -10.82 -18.86 -6.74
CA LEU B 150 -11.81 -18.44 -5.76
C LEU B 150 -12.02 -16.94 -5.85
N SER B 151 -13.29 -16.52 -5.96
CA SER B 151 -13.63 -15.11 -6.12
C SER B 151 -14.29 -14.50 -4.88
N CYS B 152 -14.97 -15.29 -4.06
CA CYS B 152 -15.64 -14.75 -2.89
C CYS B 152 -15.81 -15.86 -1.86
N CYS B 153 -15.50 -15.55 -0.60
CA CYS B 153 -15.71 -16.46 0.51
C CYS B 153 -16.28 -15.67 1.69
N ARG B 154 -17.33 -16.21 2.30
CA ARG B 154 -18.00 -15.54 3.40
C ARG B 154 -18.27 -16.55 4.51
N PHE B 155 -18.01 -16.14 5.75
CA PHE B 155 -18.23 -17.01 6.90
C PHE B 155 -19.71 -17.06 7.24
N LEU B 156 -20.26 -18.27 7.30
CA LEU B 156 -21.65 -18.45 7.72
C LEU B 156 -21.77 -18.73 9.21
N ASP B 157 -20.76 -19.37 9.80
CA ASP B 157 -20.75 -19.66 11.23
C ASP B 157 -19.33 -20.00 11.63
N ASP B 158 -19.14 -20.39 12.88
CA ASP B 158 -17.81 -20.75 13.37
C ASP B 158 -17.31 -22.06 12.79
N ASN B 159 -18.18 -22.84 12.13
CA ASN B 159 -17.78 -24.13 11.57
C ASN B 159 -18.25 -24.34 10.14
N GLN B 160 -18.92 -23.36 9.53
CA GLN B 160 -19.39 -23.47 8.16
C GLN B 160 -19.03 -22.21 7.39
N ILE B 161 -18.52 -22.39 6.18
CA ILE B 161 -18.12 -21.29 5.31
C ILE B 161 -18.60 -21.60 3.89
N VAL B 162 -19.19 -20.60 3.24
CA VAL B 162 -19.66 -20.72 1.86
C VAL B 162 -18.71 -19.95 0.97
N THR B 163 -18.27 -20.58 -0.12
CA THR B 163 -17.30 -19.98 -1.03
C THR B 163 -17.75 -20.22 -2.47
N SER B 164 -17.35 -19.31 -3.35
CA SER B 164 -17.63 -19.41 -4.78
C SER B 164 -16.33 -19.34 -5.54
N SER B 165 -16.21 -20.19 -6.58
CA SER B 165 -15.01 -20.28 -7.40
C SER B 165 -15.30 -19.72 -8.79
N GLY B 166 -14.22 -19.58 -9.57
CA GLY B 166 -14.35 -19.13 -10.94
C GLY B 166 -14.96 -20.13 -11.89
N ASP B 167 -15.05 -21.40 -11.48
CA ASP B 167 -15.71 -22.42 -12.27
C ASP B 167 -17.22 -22.29 -12.09
N THR B 168 -17.96 -23.28 -12.58
CA THR B 168 -19.42 -23.27 -12.53
C THR B 168 -19.98 -23.88 -11.25
N THR B 169 -19.15 -24.07 -10.22
CA THR B 169 -19.56 -24.72 -8.99
C THR B 169 -19.36 -23.80 -7.80
N CYS B 170 -20.35 -23.77 -6.91
CA CYS B 170 -20.26 -23.09 -5.63
C CYS B 170 -20.34 -24.14 -4.52
N ALA B 171 -19.46 -24.01 -3.53
CA ALA B 171 -19.28 -25.06 -2.53
C ALA B 171 -19.47 -24.50 -1.12
N LEU B 172 -20.11 -25.30 -0.27
CA LEU B 172 -20.23 -25.03 1.15
C LEU B 172 -19.28 -25.96 1.90
N TRP B 173 -18.41 -25.39 2.73
CA TRP B 173 -17.39 -26.14 3.43
C TRP B 173 -17.59 -26.04 4.94
N ASP B 174 -17.17 -27.08 5.64
CA ASP B 174 -17.13 -27.08 7.10
C ASP B 174 -15.67 -27.13 7.56
N ILE B 175 -15.38 -26.44 8.66
CA ILE B 175 -13.99 -26.33 9.12
C ILE B 175 -13.55 -27.64 9.75
N GLU B 176 -14.45 -28.31 10.49
CA GLU B 176 -14.05 -29.47 11.27
C GLU B 176 -13.49 -30.58 10.38
N THR B 177 -14.18 -30.88 9.28
CA THR B 177 -13.76 -31.98 8.42
C THR B 177 -12.97 -31.50 7.21
N GLY B 178 -13.35 -30.37 6.62
CA GLY B 178 -12.67 -29.86 5.45
C GLY B 178 -13.17 -30.41 4.13
N GLN B 179 -14.37 -30.98 4.09
CA GLN B 179 -14.96 -31.52 2.88
C GLN B 179 -16.16 -30.68 2.45
N GLN B 180 -16.51 -30.81 1.18
CA GLN B 180 -17.62 -30.04 0.63
C GLN B 180 -18.94 -30.67 1.06
N THR B 181 -19.77 -29.88 1.75
CA THR B 181 -21.06 -30.38 2.23
C THR B 181 -22.12 -30.30 1.14
N THR B 182 -22.25 -29.12 0.51
CA THR B 182 -23.23 -28.92 -0.55
C THR B 182 -22.55 -28.21 -1.73
N THR B 183 -22.84 -28.69 -2.93
CA THR B 183 -22.29 -28.13 -4.16
C THR B 183 -23.44 -27.65 -5.04
N PHE B 184 -23.31 -26.42 -5.54
CA PHE B 184 -24.31 -25.81 -6.41
C PHE B 184 -23.71 -25.64 -7.80
N THR B 185 -24.40 -26.17 -8.82
CA THR B 185 -23.91 -26.14 -10.19
C THR B 185 -24.87 -25.42 -11.13
N GLY B 186 -25.80 -24.61 -10.59
CA GLY B 186 -26.75 -23.93 -11.43
C GLY B 186 -26.12 -22.90 -12.35
N HIS B 187 -25.14 -22.15 -11.83
CA HIS B 187 -24.52 -21.09 -12.62
C HIS B 187 -23.72 -21.68 -13.78
N THR B 188 -23.71 -20.97 -14.90
CA THR B 188 -22.94 -21.35 -16.08
C THR B 188 -21.67 -20.53 -16.25
N GLY B 189 -21.66 -19.28 -15.78
CA GLY B 189 -20.51 -18.41 -15.87
C GLY B 189 -19.63 -18.48 -14.64
N ASP B 190 -18.79 -17.46 -14.49
CA ASP B 190 -17.89 -17.38 -13.35
C ASP B 190 -18.54 -16.54 -12.25
N VAL B 191 -18.65 -17.12 -11.06
CA VAL B 191 -19.25 -16.42 -9.92
C VAL B 191 -18.23 -15.46 -9.34
N MET B 192 -18.65 -14.21 -9.12
CA MET B 192 -17.75 -13.15 -8.67
C MET B 192 -17.88 -12.85 -7.19
N SER B 193 -19.10 -12.55 -6.72
CA SER B 193 -19.31 -12.12 -5.34
C SER B 193 -20.48 -12.88 -4.73
N LEU B 194 -20.46 -12.97 -3.40
CA LEU B 194 -21.51 -13.62 -2.63
C LEU B 194 -22.06 -12.66 -1.58
N SER B 195 -23.16 -13.06 -0.96
CA SER B 195 -23.78 -12.28 0.10
C SER B 195 -24.61 -13.20 0.98
N LEU B 196 -24.43 -13.10 2.29
CA LEU B 196 -25.15 -13.93 3.26
C LEU B 196 -26.26 -13.12 3.90
N ALA B 197 -27.46 -13.69 3.93
CA ALA B 197 -28.59 -13.02 4.55
C ALA B 197 -28.42 -13.00 6.07
N PRO B 198 -29.05 -12.03 6.75
CA PRO B 198 -28.97 -12.02 8.22
C PRO B 198 -29.46 -13.30 8.85
N ASP B 199 -30.50 -13.92 8.26
CA ASP B 199 -31.00 -15.18 8.80
C ASP B 199 -29.95 -16.28 8.68
N THR B 200 -29.11 -16.23 7.65
CA THR B 200 -28.06 -17.22 7.40
C THR B 200 -28.63 -18.53 6.88
N ARG B 201 -29.76 -18.46 6.17
CA ARG B 201 -30.36 -19.62 5.53
C ARG B 201 -30.41 -19.52 4.01
N LEU B 202 -30.33 -18.32 3.45
CA LEU B 202 -30.34 -18.11 2.01
C LEU B 202 -29.17 -17.21 1.64
N PHE B 203 -28.62 -17.43 0.45
CA PHE B 203 -27.54 -16.58 -0.04
C PHE B 203 -27.62 -16.48 -1.56
N VAL B 204 -27.43 -15.26 -2.06
CA VAL B 204 -27.48 -14.99 -3.50
C VAL B 204 -26.09 -15.18 -4.08
N SER B 205 -26.03 -15.30 -5.41
CA SER B 205 -24.78 -15.45 -6.14
C SER B 205 -24.96 -14.96 -7.56
N GLY B 206 -24.02 -14.15 -8.03
CA GLY B 206 -24.03 -13.62 -9.38
C GLY B 206 -22.88 -14.18 -10.19
N ALA B 207 -23.12 -14.41 -11.48
CA ALA B 207 -22.13 -15.00 -12.38
C ALA B 207 -21.94 -14.09 -13.58
N CYS B 208 -20.94 -14.43 -14.41
CA CYS B 208 -20.62 -13.62 -15.57
C CYS B 208 -21.71 -13.63 -16.63
N ASP B 209 -22.64 -14.58 -16.57
CA ASP B 209 -23.72 -14.69 -17.55
C ASP B 209 -24.91 -13.80 -17.20
N ALA B 210 -24.70 -12.78 -16.36
CA ALA B 210 -25.77 -11.84 -15.99
C ALA B 210 -26.93 -12.56 -15.31
N SER B 211 -26.65 -13.64 -14.60
CA SER B 211 -27.67 -14.43 -13.91
C SER B 211 -27.41 -14.40 -12.42
N ALA B 212 -28.42 -14.01 -11.65
CA ALA B 212 -28.36 -14.02 -10.19
C ALA B 212 -29.26 -15.13 -9.68
N LYS B 213 -28.72 -16.01 -8.84
CA LYS B 213 -29.45 -17.17 -8.35
C LYS B 213 -29.40 -17.21 -6.83
N LEU B 214 -30.53 -17.55 -6.24
CA LEU B 214 -30.65 -17.71 -4.79
C LEU B 214 -30.51 -19.19 -4.44
N TRP B 215 -29.62 -19.49 -3.50
CA TRP B 215 -29.32 -20.85 -3.09
C TRP B 215 -29.63 -21.03 -1.61
N ASP B 216 -30.10 -22.22 -1.25
CA ASP B 216 -30.38 -22.56 0.14
C ASP B 216 -29.19 -23.34 0.70
N VAL B 217 -28.74 -22.95 1.89
CA VAL B 217 -27.56 -23.56 2.48
C VAL B 217 -27.82 -25.03 2.82
N ARG B 218 -29.01 -25.34 3.34
CA ARG B 218 -29.32 -26.69 3.77
C ARG B 218 -29.84 -27.56 2.63
N GLU B 219 -30.95 -27.14 2.01
CA GLU B 219 -31.55 -27.95 0.95
C GLU B 219 -30.63 -28.03 -0.27
N GLY B 220 -30.17 -26.89 -0.75
CA GLY B 220 -29.13 -26.87 -1.76
C GLY B 220 -29.59 -26.83 -3.20
N MET B 221 -30.70 -26.19 -3.51
CA MET B 221 -31.14 -26.00 -4.89
C MET B 221 -31.39 -24.52 -5.17
N CYS B 222 -31.51 -24.20 -6.45
CA CYS B 222 -31.75 -22.83 -6.89
C CYS B 222 -33.20 -22.47 -6.59
N ARG B 223 -33.41 -21.46 -5.75
CA ARG B 223 -34.76 -21.04 -5.39
C ARG B 223 -35.26 -19.88 -6.25
N GLN B 224 -34.36 -19.02 -6.73
CA GLN B 224 -34.76 -17.86 -7.51
C GLN B 224 -33.75 -17.65 -8.63
N THR B 225 -34.21 -17.01 -9.70
CA THR B 225 -33.36 -16.65 -10.83
C THR B 225 -33.72 -15.25 -11.30
N PHE B 226 -32.68 -14.47 -11.65
CA PHE B 226 -32.86 -13.13 -12.14
C PHE B 226 -31.92 -12.90 -13.32
N THR B 227 -32.44 -12.27 -14.38
CA THR B 227 -31.66 -12.01 -15.58
C THR B 227 -31.87 -10.58 -16.08
N GLY B 228 -31.93 -9.63 -15.15
CA GLY B 228 -32.14 -8.24 -15.53
C GLY B 228 -30.91 -7.56 -16.10
N HIS B 229 -29.72 -8.10 -15.82
CA HIS B 229 -28.48 -7.47 -16.24
C HIS B 229 -28.08 -7.95 -17.63
N GLU B 230 -27.26 -7.15 -18.29
CA GLU B 230 -26.79 -7.44 -19.64
C GLU B 230 -25.29 -7.74 -19.68
N SER B 231 -24.65 -7.90 -18.53
CA SER B 231 -23.22 -8.18 -18.48
C SER B 231 -22.90 -8.92 -17.18
N ASP B 232 -21.62 -9.05 -16.88
CA ASP B 232 -21.18 -9.83 -15.73
C ASP B 232 -21.61 -9.15 -14.42
N ILE B 233 -22.02 -9.96 -13.46
CA ILE B 233 -22.37 -9.48 -12.12
C ILE B 233 -21.08 -9.49 -11.30
N ASN B 234 -20.45 -8.32 -11.18
CA ASN B 234 -19.20 -8.20 -10.46
C ASN B 234 -19.40 -7.97 -8.96
N ALA B 235 -20.52 -7.36 -8.57
CA ALA B 235 -20.79 -7.06 -7.17
C ALA B 235 -22.21 -7.48 -6.83
N ILE B 236 -22.41 -7.92 -5.58
CA ILE B 236 -23.71 -8.36 -5.11
C ILE B 236 -23.72 -8.26 -3.59
N CYS B 237 -24.85 -7.83 -3.04
CA CYS B 237 -24.97 -7.62 -1.60
C CYS B 237 -26.41 -7.80 -1.17
N PHE B 238 -26.60 -8.01 0.12
CA PHE B 238 -27.92 -8.24 0.71
C PHE B 238 -28.48 -6.97 1.32
N PHE B 239 -29.76 -6.72 1.09
CA PHE B 239 -30.46 -5.65 1.78
C PHE B 239 -30.62 -6.04 3.25
N PRO B 240 -30.55 -5.07 4.17
CA PRO B 240 -30.54 -5.44 5.60
C PRO B 240 -31.73 -6.28 6.04
N ASN B 241 -32.93 -6.01 5.52
CA ASN B 241 -34.11 -6.76 5.96
C ASN B 241 -34.06 -8.21 5.54
N GLY B 242 -33.22 -8.57 4.56
CA GLY B 242 -33.05 -9.95 4.15
C GLY B 242 -33.97 -10.41 3.05
N ASN B 243 -34.94 -9.59 2.63
CA ASN B 243 -35.83 -9.95 1.54
C ASN B 243 -35.40 -9.39 0.19
N ALA B 244 -34.57 -8.36 0.17
CA ALA B 244 -34.10 -7.74 -1.06
C ALA B 244 -32.58 -7.84 -1.16
N PHE B 245 -32.09 -7.68 -2.39
CA PHE B 245 -30.66 -7.69 -2.66
C PHE B 245 -30.40 -6.90 -3.93
N ALA B 246 -29.16 -6.44 -4.08
CA ALA B 246 -28.76 -5.61 -5.20
C ALA B 246 -27.53 -6.19 -5.88
N THR B 247 -27.33 -5.81 -7.13
CA THR B 247 -26.24 -6.32 -7.96
C THR B 247 -25.51 -5.18 -8.64
N GLY B 248 -24.23 -5.37 -8.86
CA GLY B 248 -23.41 -4.44 -9.64
C GLY B 248 -22.74 -5.18 -10.78
N SER B 249 -22.64 -4.50 -11.93
CA SER B 249 -22.10 -5.12 -13.14
C SER B 249 -21.17 -4.13 -13.84
N ASP B 250 -20.49 -4.64 -14.86
CA ASP B 250 -19.59 -3.82 -15.66
C ASP B 250 -20.33 -2.89 -16.61
N ASP B 251 -21.65 -3.04 -16.76
CA ASP B 251 -22.44 -2.19 -17.64
C ASP B 251 -22.71 -0.81 -17.05
N ALA B 252 -22.10 -0.47 -15.92
CA ALA B 252 -22.21 0.84 -15.29
C ALA B 252 -23.59 1.07 -14.69
N THR B 253 -24.30 0.00 -14.31
CA THR B 253 -25.63 0.11 -13.74
C THR B 253 -25.75 -0.81 -12.53
N CYS B 254 -26.43 -0.34 -11.50
CA CYS B 254 -26.79 -1.14 -10.35
C CYS B 254 -28.28 -1.43 -10.37
N ARG B 255 -28.65 -2.55 -9.74
CA ARG B 255 -30.03 -3.02 -9.79
C ARG B 255 -30.40 -3.65 -8.45
N LEU B 256 -31.68 -3.56 -8.10
CA LEU B 256 -32.20 -4.07 -6.84
C LEU B 256 -33.29 -5.10 -7.15
N PHE B 257 -33.18 -6.26 -6.52
CA PHE B 257 -34.13 -7.36 -6.72
C PHE B 257 -34.75 -7.73 -5.38
N ASP B 258 -36.01 -8.16 -5.43
CA ASP B 258 -36.74 -8.63 -4.28
C ASP B 258 -37.05 -10.11 -4.45
N LEU B 259 -36.69 -10.92 -3.46
CA LEU B 259 -36.89 -12.36 -3.57
C LEU B 259 -38.37 -12.70 -3.72
N ARG B 260 -39.23 -12.05 -2.93
CA ARG B 260 -40.66 -12.34 -3.00
C ARG B 260 -41.27 -11.90 -4.32
N ALA B 261 -40.88 -10.74 -4.83
CA ALA B 261 -41.43 -10.25 -6.09
C ALA B 261 -40.85 -10.99 -7.30
N ASP B 262 -39.63 -11.51 -7.18
CA ASP B 262 -38.97 -12.21 -8.29
C ASP B 262 -38.89 -11.31 -9.52
N GLN B 263 -38.56 -10.04 -9.30
CA GLN B 263 -38.47 -9.06 -10.37
C GLN B 263 -37.44 -8.00 -10.01
N GLU B 264 -36.98 -7.28 -11.03
CA GLU B 264 -36.07 -6.16 -10.84
C GLU B 264 -36.89 -4.91 -10.52
N LEU B 265 -36.73 -4.40 -9.29
CA LEU B 265 -37.56 -3.28 -8.85
C LEU B 265 -37.09 -1.95 -9.44
N MET B 266 -35.78 -1.76 -9.56
CA MET B 266 -35.25 -0.55 -10.16
C MET B 266 -33.81 -0.80 -10.58
N THR B 267 -33.26 0.15 -11.33
CA THR B 267 -31.87 0.15 -11.74
C THR B 267 -31.26 1.51 -11.44
N TYR B 268 -30.08 1.51 -10.82
CA TYR B 268 -29.39 2.74 -10.45
C TYR B 268 -28.28 2.99 -11.47
N SER B 269 -28.40 4.11 -12.19
CA SER B 269 -27.39 4.46 -13.19
C SER B 269 -27.58 5.93 -13.56
N HIS B 270 -26.56 6.48 -14.21
CA HIS B 270 -26.59 7.86 -14.67
C HIS B 270 -25.91 7.94 -16.04
N ASP B 271 -26.28 8.95 -16.82
CA ASP B 271 -25.76 9.05 -18.18
C ASP B 271 -24.24 9.22 -18.18
N ASN B 272 -23.71 10.06 -17.29
CA ASN B 272 -22.29 10.32 -17.26
C ASN B 272 -21.47 9.07 -16.91
N ILE B 273 -21.99 8.23 -16.02
CA ILE B 273 -21.27 7.03 -15.58
C ILE B 273 -21.34 6.00 -16.70
N ILE B 274 -20.19 5.51 -17.15
CA ILE B 274 -20.11 4.52 -18.21
C ILE B 274 -19.18 3.36 -17.87
N CYS B 275 -18.43 3.44 -16.78
CA CYS B 275 -17.51 2.38 -16.40
C CYS B 275 -18.20 1.37 -15.48
N GLY B 276 -17.51 0.27 -15.21
CA GLY B 276 -18.09 -0.83 -14.47
C GLY B 276 -18.19 -0.57 -12.98
N ILE B 277 -18.79 -1.55 -12.29
CA ILE B 277 -19.02 -1.49 -10.85
C ILE B 277 -18.30 -2.67 -10.23
N THR B 278 -17.54 -2.41 -9.16
CA THR B 278 -16.71 -3.42 -8.52
C THR B 278 -17.31 -3.97 -7.23
N SER B 279 -17.83 -3.10 -6.37
CA SER B 279 -18.36 -3.53 -5.08
C SER B 279 -19.63 -2.75 -4.76
N VAL B 280 -20.48 -3.34 -3.91
CA VAL B 280 -21.72 -2.73 -3.48
C VAL B 280 -21.97 -3.11 -2.03
N SER B 281 -22.62 -2.20 -1.30
CA SER B 281 -22.94 -2.43 0.10
C SER B 281 -24.14 -1.58 0.47
N PHE B 282 -24.76 -1.92 1.59
CA PHE B 282 -25.96 -1.25 2.09
C PHE B 282 -25.71 -0.67 3.47
N SER B 283 -26.53 0.32 3.82
CA SER B 283 -26.47 0.92 5.15
C SER B 283 -27.39 0.19 6.12
N LYS B 284 -27.34 0.60 7.39
CA LYS B 284 -28.14 -0.07 8.41
C LYS B 284 -29.63 0.04 8.10
N SER B 285 -30.10 1.23 7.75
CA SER B 285 -31.52 1.43 7.47
C SER B 285 -31.91 1.03 6.06
N GLY B 286 -30.95 0.78 5.17
CA GLY B 286 -31.24 0.46 3.80
C GLY B 286 -31.52 1.66 2.91
N ARG B 287 -31.62 2.86 3.48
CA ARG B 287 -31.86 4.05 2.67
C ARG B 287 -30.69 4.32 1.74
N LEU B 288 -29.46 4.12 2.22
CA LEU B 288 -28.25 4.45 1.48
C LEU B 288 -27.71 3.19 0.82
N LEU B 289 -27.51 3.25 -0.49
CA LEU B 289 -26.94 2.17 -1.27
C LEU B 289 -25.61 2.66 -1.84
N LEU B 290 -24.51 2.20 -1.25
CA LEU B 290 -23.17 2.63 -1.65
C LEU B 290 -22.56 1.60 -2.58
N ALA B 291 -21.97 2.08 -3.68
CA ALA B 291 -21.37 1.21 -4.67
C ALA B 291 -20.09 1.86 -5.20
N GLY B 292 -19.03 1.06 -5.32
CA GLY B 292 -17.81 1.57 -5.91
C GLY B 292 -17.85 1.50 -7.43
N TYR B 293 -16.98 2.29 -8.06
CA TYR B 293 -16.92 2.38 -9.51
C TYR B 293 -15.47 2.39 -9.95
N ASP B 294 -15.24 2.01 -11.21
CA ASP B 294 -13.89 1.93 -11.74
C ASP B 294 -13.22 3.31 -11.74
N ASP B 295 -13.96 4.36 -12.06
CA ASP B 295 -13.41 5.70 -12.00
C ASP B 295 -12.91 6.01 -10.59
N PHE B 296 -12.22 7.13 -10.47
CA PHE B 296 -11.68 7.54 -9.18
C PHE B 296 -12.78 8.17 -8.33
N ASN B 297 -13.85 7.42 -8.10
CA ASN B 297 -15.02 7.96 -7.41
C ASN B 297 -15.83 6.82 -6.82
N CYS B 298 -16.45 7.09 -5.67
CA CYS B 298 -17.38 6.18 -5.03
C CYS B 298 -18.72 6.91 -4.89
N ASN B 299 -19.78 6.29 -5.40
CA ASN B 299 -21.08 6.92 -5.47
C ASN B 299 -22.03 6.30 -4.44
N VAL B 300 -22.77 7.14 -3.74
CA VAL B 300 -23.77 6.72 -2.77
C VAL B 300 -25.14 7.06 -3.35
N TRP B 301 -26.00 6.06 -3.46
CA TRP B 301 -27.32 6.21 -4.05
C TRP B 301 -28.40 6.04 -2.98
N ASP B 302 -29.54 6.69 -3.22
CA ASP B 302 -30.72 6.50 -2.39
C ASP B 302 -31.45 5.24 -2.88
N ALA B 303 -31.41 4.19 -2.06
CA ALA B 303 -31.98 2.91 -2.49
C ALA B 303 -33.45 3.04 -2.86
N LEU B 304 -34.16 3.99 -2.23
CA LEU B 304 -35.59 4.13 -2.51
C LEU B 304 -35.84 4.98 -3.74
N LYS B 305 -35.35 6.23 -3.73
CA LYS B 305 -35.57 7.13 -4.86
C LYS B 305 -34.66 6.80 -6.04
N ALA B 306 -33.58 6.06 -5.82
CA ALA B 306 -32.67 5.65 -6.90
C ALA B 306 -32.08 6.87 -7.61
N ASP B 307 -31.34 7.67 -6.83
CA ASP B 307 -30.66 8.83 -7.37
C ASP B 307 -29.34 9.02 -6.65
N ARG B 308 -28.43 9.74 -7.31
CA ARG B 308 -27.10 9.99 -6.74
C ARG B 308 -27.25 10.88 -5.51
N ALA B 309 -27.04 10.30 -4.33
CA ALA B 309 -27.20 11.03 -3.08
C ALA B 309 -25.90 11.62 -2.57
N GLY B 310 -24.77 10.98 -2.82
CA GLY B 310 -23.49 11.47 -2.35
C GLY B 310 -22.36 11.08 -3.27
N VAL B 311 -21.28 11.84 -3.18
CA VAL B 311 -20.09 11.63 -4.00
C VAL B 311 -18.87 11.60 -3.08
N LEU B 312 -18.06 10.54 -3.19
CA LEU B 312 -16.81 10.41 -2.45
C LEU B 312 -15.68 10.38 -3.47
N ALA B 313 -14.88 11.44 -3.48
CA ALA B 313 -13.76 11.59 -4.41
C ALA B 313 -12.43 11.62 -3.68
N GLY B 314 -12.29 10.79 -2.65
CA GLY B 314 -11.07 10.75 -1.87
C GLY B 314 -10.05 9.75 -2.37
N HIS B 315 -10.30 9.18 -3.55
CA HIS B 315 -9.43 8.17 -4.13
C HIS B 315 -9.00 8.60 -5.53
N ASP B 316 -7.79 8.19 -5.91
CA ASP B 316 -7.23 8.51 -7.21
C ASP B 316 -7.07 7.28 -8.10
N ASN B 317 -7.59 6.13 -7.68
CA ASN B 317 -7.48 4.89 -8.44
C ASN B 317 -8.82 4.17 -8.40
N ARG B 318 -8.86 2.99 -9.02
CA ARG B 318 -10.09 2.21 -9.07
C ARG B 318 -10.53 1.79 -7.68
N VAL B 319 -11.81 1.95 -7.39
CA VAL B 319 -12.39 1.49 -6.13
C VAL B 319 -12.76 0.02 -6.29
N SER B 320 -12.26 -0.82 -5.41
CA SER B 320 -12.44 -2.27 -5.50
C SER B 320 -13.31 -2.85 -4.41
N CYS B 321 -13.13 -2.42 -3.16
CA CYS B 321 -13.86 -2.99 -2.03
C CYS B 321 -14.63 -1.89 -1.31
N LEU B 322 -15.73 -2.28 -0.67
CA LEU B 322 -16.60 -1.33 0.00
C LEU B 322 -17.36 -2.07 1.10
N GLY B 323 -17.06 -1.76 2.35
CA GLY B 323 -17.71 -2.40 3.48
C GLY B 323 -18.43 -1.39 4.34
N VAL B 324 -19.56 -1.80 4.90
CA VAL B 324 -20.39 -0.95 5.75
C VAL B 324 -20.56 -1.64 7.09
N THR B 325 -20.33 -0.91 8.18
CA THR B 325 -20.48 -1.47 9.51
C THR B 325 -21.93 -1.86 9.76
N ASP B 326 -22.12 -2.94 10.53
CA ASP B 326 -23.46 -3.40 10.84
C ASP B 326 -24.28 -2.33 11.54
N ASP B 327 -23.65 -1.53 12.40
CA ASP B 327 -24.33 -0.45 13.09
C ASP B 327 -24.45 0.81 12.25
N GLY B 328 -23.78 0.87 11.10
CA GLY B 328 -23.88 2.03 10.22
C GLY B 328 -23.19 3.25 10.78
N MET B 329 -22.24 3.06 11.69
CA MET B 329 -21.54 4.19 12.27
C MET B 329 -20.51 4.77 11.32
N ALA B 330 -19.89 3.93 10.49
CA ALA B 330 -18.85 4.38 9.57
C ALA B 330 -18.81 3.43 8.37
N VAL B 331 -18.23 3.94 7.28
CA VAL B 331 -18.08 3.17 6.05
C VAL B 331 -16.63 3.29 5.60
N ALA B 332 -16.02 2.16 5.26
CA ALA B 332 -14.64 2.10 4.80
C ALA B 332 -14.60 1.72 3.33
N THR B 333 -13.87 2.51 2.54
CA THR B 333 -13.75 2.29 1.11
C THR B 333 -12.27 2.10 0.76
N GLY B 334 -11.98 1.02 0.04
CA GLY B 334 -10.62 0.72 -0.40
C GLY B 334 -10.54 0.71 -1.90
N SER B 335 -9.39 1.12 -2.43
CA SER B 335 -9.16 1.22 -3.86
C SER B 335 -7.82 0.53 -4.20
N TRP B 336 -7.40 0.67 -5.46
CA TRP B 336 -6.14 0.11 -5.91
C TRP B 336 -4.95 1.01 -5.61
N ASP B 337 -5.17 2.17 -5.01
CA ASP B 337 -4.09 3.09 -4.66
C ASP B 337 -3.35 2.67 -3.39
N SER B 338 -3.70 1.52 -2.81
CA SER B 338 -3.07 0.99 -1.61
C SER B 338 -3.41 1.81 -0.37
N PHE B 339 -4.47 2.61 -0.43
CA PHE B 339 -4.91 3.44 0.69
C PHE B 339 -6.35 3.11 1.01
N LEU B 340 -6.64 2.91 2.30
CA LEU B 340 -7.98 2.63 2.77
C LEU B 340 -8.43 3.75 3.70
N LYS B 341 -9.61 4.30 3.43
CA LYS B 341 -10.12 5.47 4.13
C LYS B 341 -11.44 5.14 4.81
N ILE B 342 -11.61 5.64 6.04
CA ILE B 342 -12.84 5.46 6.79
C ILE B 342 -13.70 6.70 6.62
N TRP B 343 -14.95 6.50 6.22
CA TRP B 343 -15.85 7.60 5.90
C TRP B 343 -17.12 7.50 6.74
N ASN B 344 -17.64 8.66 7.11
CA ASN B 344 -18.91 8.73 7.84
C ASN B 344 -19.39 10.17 7.93
N SER C 7 -28.47 -32.64 -19.18
CA SER C 7 -29.02 -31.93 -20.37
C SER C 7 -30.54 -31.89 -20.26
N ILE C 8 -31.20 -32.93 -20.73
CA ILE C 8 -32.68 -32.99 -20.53
C ILE C 8 -32.90 -32.91 -19.03
N ALA C 9 -32.14 -33.71 -18.28
CA ALA C 9 -32.30 -33.74 -16.81
C ALA C 9 -32.20 -32.33 -16.22
N GLN C 10 -31.22 -31.54 -16.66
CA GLN C 10 -31.03 -30.19 -16.08
C GLN C 10 -32.18 -29.29 -16.53
N ALA C 11 -32.68 -29.49 -17.75
CA ALA C 11 -33.85 -28.71 -18.21
C ALA C 11 -35.05 -29.06 -17.33
N ARG C 12 -35.18 -30.33 -16.93
CA ARG C 12 -36.29 -30.78 -16.05
C ARG C 12 -36.10 -30.17 -14.67
N LYS C 13 -34.87 -30.03 -14.22
CA LYS C 13 -34.60 -29.39 -12.91
C LYS C 13 -35.04 -27.94 -13.01
N LEU C 14 -34.76 -27.32 -14.17
CA LEU C 14 -35.21 -25.93 -14.39
C LEU C 14 -36.73 -25.91 -14.26
N VAL C 15 -37.39 -26.86 -14.91
CA VAL C 15 -38.87 -26.96 -14.84
C VAL C 15 -39.25 -26.98 -13.36
N GLU C 16 -38.68 -27.89 -12.58
CA GLU C 16 -39.05 -28.05 -11.15
C GLU C 16 -38.89 -26.72 -10.42
N GLN C 17 -37.72 -26.08 -10.54
CA GLN C 17 -37.48 -24.84 -9.75
C GLN C 17 -38.49 -23.77 -10.17
N LEU C 18 -38.75 -23.65 -11.47
CA LEU C 18 -39.68 -22.60 -11.96
C LEU C 18 -41.07 -22.87 -11.40
N LYS C 19 -41.49 -24.14 -11.41
CA LYS C 19 -42.78 -24.48 -10.77
C LYS C 19 -42.60 -24.23 -9.27
N MET C 20 -41.41 -24.53 -8.75
CA MET C 20 -41.11 -24.28 -7.32
C MET C 20 -41.21 -22.78 -7.03
N GLU C 21 -40.52 -21.95 -7.81
CA GLU C 21 -40.66 -20.48 -7.65
C GLU C 21 -42.11 -20.11 -7.97
N ALA C 22 -42.68 -20.77 -8.96
CA ALA C 22 -44.09 -20.49 -9.32
C ALA C 22 -44.95 -20.71 -8.08
N ASN C 23 -44.75 -21.83 -7.38
CA ASN C 23 -45.62 -22.14 -6.21
C ASN C 23 -45.38 -21.09 -5.12
N ILE C 24 -44.19 -20.48 -5.08
CA ILE C 24 -43.99 -19.38 -4.09
C ILE C 24 -45.01 -18.29 -4.41
N ASP C 25 -45.64 -17.73 -3.38
CA ASP C 25 -46.69 -16.72 -3.61
C ASP C 25 -46.05 -15.44 -4.12
N ARG C 26 -45.64 -15.44 -5.40
CA ARG C 26 -45.12 -14.19 -6.00
C ARG C 26 -46.03 -13.08 -5.48
N ILE C 27 -45.51 -12.22 -4.61
CA ILE C 27 -46.38 -11.21 -3.94
C ILE C 27 -46.33 -10.02 -4.91
N LYS C 28 -47.24 -9.04 -4.74
CA LYS C 28 -47.31 -7.88 -5.66
C LYS C 28 -46.39 -6.76 -5.15
N VAL C 29 -46.03 -5.81 -6.02
CA VAL C 29 -45.08 -4.73 -5.63
C VAL C 29 -45.62 -4.00 -4.39
N SER C 30 -46.91 -3.68 -4.40
CA SER C 30 -47.54 -2.97 -3.26
C SER C 30 -47.48 -3.83 -2.00
N LYS C 31 -47.92 -3.30 -0.85
CA LYS C 31 -47.80 -4.03 0.43
C LYS C 31 -46.31 -4.25 0.65
N ALA C 32 -45.65 -4.87 -0.33
CA ALA C 32 -44.21 -5.09 -0.30
C ALA C 32 -43.45 -3.79 -0.12
N ALA C 33 -43.84 -2.73 -0.84
CA ALA C 33 -43.19 -1.44 -0.67
C ALA C 33 -43.54 -0.82 0.68
N ALA C 34 -44.80 -0.98 1.11
CA ALA C 34 -45.21 -0.43 2.40
C ALA C 34 -44.43 -1.06 3.54
N ASP C 35 -44.04 -2.33 3.40
CA ASP C 35 -43.23 -2.97 4.42
C ASP C 35 -41.89 -2.26 4.59
N LEU C 36 -41.23 -1.94 3.47
CA LEU C 36 -39.99 -1.18 3.55
C LEU C 36 -40.22 0.21 4.12
N MET C 37 -41.28 0.88 3.67
CA MET C 37 -41.54 2.24 4.16
C MET C 37 -41.76 2.25 5.66
N ALA C 38 -42.53 1.31 6.18
CA ALA C 38 -42.80 1.26 7.62
C ALA C 38 -41.51 1.00 8.40
N TYR C 39 -40.67 0.10 7.91
CA TYR C 39 -39.44 -0.24 8.63
C TYR C 39 -38.50 0.96 8.69
N CYS C 40 -38.39 1.71 7.59
CA CYS C 40 -37.48 2.85 7.55
C CYS C 40 -37.88 3.90 8.57
N GLU C 41 -39.16 4.33 8.54
CA GLU C 41 -39.61 5.36 9.47
C GLU C 41 -39.59 4.87 10.90
N ALA C 42 -39.78 3.57 11.12
CA ALA C 42 -39.78 3.03 12.47
C ALA C 42 -38.40 3.07 13.11
N HIS C 43 -37.33 3.09 12.31
CA HIS C 43 -35.97 3.07 12.82
C HIS C 43 -35.10 4.20 12.30
N ALA C 44 -35.66 5.15 11.56
CA ALA C 44 -34.86 6.26 11.04
C ALA C 44 -34.43 7.21 12.16
N LYS C 45 -35.09 7.15 13.31
CA LYS C 45 -34.80 8.08 14.39
C LYS C 45 -33.44 7.81 15.04
N GLU C 46 -32.88 6.62 14.85
CA GLU C 46 -31.64 6.25 15.54
C GLU C 46 -30.64 5.64 14.56
N ASP C 47 -30.58 6.18 13.34
CA ASP C 47 -29.58 5.76 12.37
C ASP C 47 -28.53 6.87 12.23
N PRO C 48 -27.33 6.69 12.80
CA PRO C 48 -26.35 7.80 12.76
C PRO C 48 -26.03 8.30 11.38
N LEU C 49 -25.90 7.41 10.39
CA LEU C 49 -25.54 7.86 9.05
C LEU C 49 -26.65 8.69 8.41
N LEU C 50 -27.91 8.45 8.80
CA LEU C 50 -29.01 9.26 8.30
C LEU C 50 -29.14 10.56 9.09
N THR C 51 -29.02 10.47 10.42
CA THR C 51 -29.09 11.64 11.29
C THR C 51 -27.98 11.49 12.34
N PRO C 52 -26.81 12.08 12.11
CA PRO C 52 -25.69 11.86 13.02
C PRO C 52 -25.92 12.45 14.40
N VAL C 53 -25.35 11.78 15.39
CA VAL C 53 -25.38 12.24 16.78
C VAL C 53 -24.33 13.32 16.96
N PRO C 54 -24.44 14.17 17.99
CA PRO C 54 -23.42 15.20 18.18
C PRO C 54 -22.07 14.60 18.53
N ALA C 55 -21.02 15.41 18.33
CA ALA C 55 -19.66 14.94 18.56
C ALA C 55 -19.45 14.44 19.99
N SER C 56 -20.22 14.95 20.95
CA SER C 56 -20.09 14.48 22.32
C SER C 56 -20.43 12.99 22.45
N GLU C 57 -21.48 12.55 21.76
CA GLU C 57 -21.89 11.16 21.81
C GLU C 57 -21.24 10.31 20.72
N ASN C 58 -20.78 10.94 19.64
CA ASN C 58 -20.18 10.21 18.55
C ASN C 58 -18.83 9.63 18.98
N PRO C 59 -18.61 8.31 18.85
CA PRO C 59 -17.30 7.76 19.25
C PRO C 59 -16.18 8.07 18.27
N PHE C 60 -16.50 8.57 17.07
CA PHE C 60 -15.50 8.85 16.05
C PHE C 60 -15.03 10.30 16.07
N ARG C 61 -15.38 11.06 17.11
CA ARG C 61 -14.98 12.47 17.18
C ARG C 61 -13.45 12.59 17.21
N GLU C 62 -12.95 13.63 16.57
CA GLU C 62 -11.51 13.87 16.49
C GLU C 62 -10.91 13.96 17.89
N VAL D 1 2.90 -23.87 26.10
CA VAL D 1 3.45 -22.63 26.70
C VAL D 1 4.13 -22.94 28.03
N GLN D 2 5.42 -22.61 28.12
CA GLN D 2 6.21 -22.85 29.32
C GLN D 2 7.16 -21.70 29.56
N LEU D 3 7.20 -21.22 30.80
CA LEU D 3 8.14 -20.19 31.22
C LEU D 3 8.86 -20.71 32.46
N VAL D 4 10.07 -21.24 32.28
CA VAL D 4 10.84 -21.86 33.34
C VAL D 4 11.92 -20.87 33.76
N GLU D 5 11.87 -20.45 35.02
CA GLU D 5 12.88 -19.55 35.58
C GLU D 5 13.94 -20.34 36.32
N SER D 6 15.11 -19.75 36.46
CA SER D 6 16.23 -20.40 37.15
C SER D 6 17.28 -19.34 37.47
N GLY D 7 18.29 -19.77 38.23
CA GLY D 7 19.40 -18.91 38.58
C GLY D 7 19.35 -18.33 39.99
N GLY D 8 18.30 -18.60 40.75
CA GLY D 8 18.19 -18.10 42.11
C GLY D 8 19.02 -18.91 43.09
N GLY D 9 19.05 -18.43 44.31
CA GLY D 9 19.79 -19.09 45.37
C GLY D 9 20.09 -18.12 46.50
N LEU D 10 21.18 -18.42 47.22
CA LEU D 10 21.59 -17.61 48.37
C LEU D 10 22.58 -16.55 47.92
N VAL D 11 22.41 -15.33 48.42
CA VAL D 11 23.27 -14.21 48.10
C VAL D 11 23.57 -13.44 49.37
N GLN D 12 24.84 -13.07 49.55
CA GLN D 12 25.23 -12.25 50.69
C GLN D 12 24.77 -10.81 50.48
N PRO D 13 24.73 -10.02 51.55
CA PRO D 13 24.27 -8.63 51.41
C PRO D 13 25.13 -7.88 50.40
N GLY D 14 24.47 -7.04 49.60
CA GLY D 14 25.18 -6.30 48.56
C GLY D 14 25.73 -7.15 47.45
N GLY D 15 25.20 -8.36 47.26
CA GLY D 15 25.68 -9.26 46.24
C GLY D 15 25.05 -8.97 44.88
N SER D 16 25.29 -9.89 43.96
CA SER D 16 24.76 -9.75 42.60
C SER D 16 24.64 -11.14 41.98
N ARG D 17 23.69 -11.26 41.06
CA ARG D 17 23.50 -12.49 40.29
C ARG D 17 22.58 -12.18 39.12
N LYS D 18 22.45 -13.16 38.22
CA LYS D 18 21.67 -13.00 36.99
C LYS D 18 20.60 -14.08 36.95
N LEU D 19 19.34 -13.67 37.07
CA LEU D 19 18.24 -14.60 36.90
C LEU D 19 17.95 -14.80 35.41
N SER D 20 17.57 -16.02 35.05
CA SER D 20 17.32 -16.38 33.67
C SER D 20 15.97 -17.08 33.55
N CYS D 21 15.32 -16.89 32.40
CA CYS D 21 14.04 -17.51 32.12
C CYS D 21 14.00 -17.88 30.65
N SER D 22 13.88 -19.18 30.37
CA SER D 22 13.79 -19.66 29.00
C SER D 22 12.33 -19.88 28.63
N ALA D 23 11.93 -19.35 27.48
CA ALA D 23 10.54 -19.39 27.02
C ALA D 23 10.40 -20.39 25.88
N SER D 24 9.32 -21.17 25.93
CA SER D 24 9.04 -22.15 24.90
C SER D 24 7.54 -22.29 24.75
N GLY D 25 7.12 -22.78 23.58
CA GLY D 25 5.72 -23.00 23.29
C GLY D 25 4.96 -21.80 22.80
N PHE D 26 5.61 -20.64 22.65
CA PHE D 26 4.94 -19.45 22.16
C PHE D 26 5.98 -18.51 21.58
N ALA D 27 5.49 -17.54 20.80
CA ALA D 27 6.35 -16.58 20.12
C ALA D 27 6.86 -15.58 21.15
N PHE D 28 8.07 -15.83 21.67
CA PHE D 28 8.65 -14.93 22.66
C PHE D 28 8.83 -13.54 22.08
N SER D 29 9.09 -13.44 20.77
CA SER D 29 9.40 -12.14 20.17
C SER D 29 8.23 -11.17 20.33
N SER D 30 7.00 -11.65 20.15
CA SER D 30 5.85 -10.77 20.18
C SER D 30 5.48 -10.38 21.61
N PHE D 31 5.71 -11.26 22.57
CA PHE D 31 5.23 -11.05 23.93
C PHE D 31 6.21 -10.23 24.75
N GLY D 32 5.68 -9.21 25.44
CA GLY D 32 6.45 -8.51 26.44
C GLY D 32 6.50 -9.27 27.75
N MET D 33 7.52 -8.97 28.54
CA MET D 33 7.81 -9.72 29.77
C MET D 33 7.69 -8.80 30.99
N HIS D 34 7.17 -9.36 32.07
CA HIS D 34 7.08 -8.69 33.36
C HIS D 34 7.71 -9.55 34.43
N TRP D 35 8.30 -8.91 35.43
CA TRP D 35 8.89 -9.58 36.58
C TRP D 35 8.13 -9.19 37.83
N VAL D 36 7.64 -10.19 38.56
CA VAL D 36 6.88 -9.97 39.79
C VAL D 36 7.48 -10.88 40.86
N ARG D 37 7.78 -10.31 42.03
CA ARG D 37 8.35 -11.06 43.14
C ARG D 37 7.38 -11.04 44.32
N GLN D 38 7.38 -12.13 45.08
CA GLN D 38 6.50 -12.28 46.24
C GLN D 38 7.34 -12.58 47.46
N ALA D 39 7.22 -11.75 48.49
CA ALA D 39 7.96 -11.97 49.72
C ALA D 39 7.39 -13.18 50.46
N PRO D 40 8.19 -13.84 51.30
CA PRO D 40 7.67 -15.01 52.03
C PRO D 40 6.44 -14.69 52.88
N GLU D 41 6.39 -13.49 53.47
CA GLU D 41 5.26 -13.10 54.31
C GLU D 41 4.37 -12.04 53.68
N LYS D 42 4.85 -11.30 52.69
CA LYS D 42 4.08 -10.27 52.03
C LYS D 42 3.51 -10.79 50.72
N GLY D 43 2.82 -9.91 49.99
CA GLY D 43 2.21 -10.26 48.73
C GLY D 43 3.12 -9.99 47.54
N LEU D 44 2.52 -10.01 46.36
CA LEU D 44 3.26 -9.77 45.13
C LEU D 44 3.63 -8.29 45.01
N GLU D 45 4.54 -8.01 44.08
CA GLU D 45 4.94 -6.63 43.79
C GLU D 45 5.71 -6.62 42.49
N TRP D 46 5.37 -5.70 41.61
CA TRP D 46 5.96 -5.65 40.27
C TRP D 46 7.39 -5.11 40.33
N VAL D 47 8.24 -5.61 39.44
CA VAL D 47 9.65 -5.25 39.39
C VAL D 47 9.97 -4.43 38.15
N ALA D 48 9.79 -5.01 36.96
CA ALA D 48 10.17 -4.33 35.73
C ALA D 48 9.37 -4.93 34.57
N TYR D 49 9.34 -4.21 33.46
CA TYR D 49 8.61 -4.61 32.28
C TYR D 49 9.39 -4.21 31.03
N ILE D 50 9.40 -5.10 30.04
CA ILE D 50 10.05 -4.85 28.76
C ILE D 50 9.03 -5.13 27.65
N SER D 51 8.93 -4.22 26.69
CA SER D 51 7.96 -4.34 25.62
C SER D 51 8.47 -5.32 24.55
N SER D 52 7.65 -5.50 23.50
CA SER D 52 8.01 -6.44 22.45
C SER D 52 9.26 -5.99 21.71
N GLY D 53 9.39 -4.69 21.45
CA GLY D 53 10.50 -4.17 20.68
C GLY D 53 11.71 -3.83 21.53
N SER D 54 11.75 -4.35 22.76
CA SER D 54 12.85 -4.11 23.70
C SER D 54 12.96 -2.65 24.09
N GLY D 55 11.88 -1.87 23.91
CA GLY D 55 11.84 -0.49 24.29
C GLY D 55 10.84 -0.22 25.40
N THR D 56 10.78 1.05 25.81
CA THR D 56 9.88 1.49 26.86
C THR D 56 10.04 0.63 28.12
N ILE D 57 11.30 0.35 28.47
CA ILE D 57 11.59 -0.46 29.65
C ILE D 57 11.22 0.34 30.90
N TYR D 58 10.44 -0.30 31.78
CA TYR D 58 9.97 0.33 33.00
C TYR D 58 10.52 -0.41 34.20
N TYR D 59 10.72 0.33 35.31
CA TYR D 59 11.21 -0.23 36.55
C TYR D 59 10.37 0.28 37.70
N ALA D 60 10.30 -0.51 38.76
CA ALA D 60 9.58 -0.10 39.95
C ALA D 60 10.36 0.97 40.71
N ASP D 61 9.63 1.75 41.52
CA ASP D 61 10.26 2.83 42.26
C ASP D 61 11.30 2.30 43.24
N THR D 62 11.01 1.17 43.89
CA THR D 62 11.92 0.60 44.88
C THR D 62 13.06 -0.19 44.25
N VAL D 63 13.06 -0.37 42.93
CA VAL D 63 14.12 -1.10 42.24
C VAL D 63 14.68 -0.32 41.06
N LYS D 64 14.26 0.92 40.85
CA LYS D 64 14.73 1.68 39.70
C LYS D 64 16.25 1.85 39.76
N GLY D 65 16.90 1.60 38.62
CA GLY D 65 18.36 1.74 38.54
C GLY D 65 19.14 0.56 39.08
N ARG D 66 18.78 0.06 40.25
CA ARG D 66 19.52 -1.06 40.85
C ARG D 66 19.42 -2.31 39.97
N PHE D 67 18.24 -2.59 39.44
CA PHE D 67 18.01 -3.77 38.62
C PHE D 67 18.06 -3.41 37.14
N THR D 68 18.27 -4.43 36.32
CA THR D 68 18.29 -4.27 34.87
C THR D 68 17.71 -5.52 34.23
N ILE D 69 17.03 -5.33 33.10
CA ILE D 69 16.35 -6.41 32.40
C ILE D 69 16.76 -6.37 30.93
N SER D 70 17.00 -7.54 30.34
CA SER D 70 17.42 -7.64 28.95
C SER D 70 16.86 -8.93 28.36
N ARG D 71 16.82 -8.97 27.04
CA ARG D 71 16.32 -10.13 26.31
C ARG D 71 17.14 -10.34 25.04
N ASP D 72 17.14 -11.57 24.55
CA ASP D 72 17.83 -11.96 23.32
C ASP D 72 16.85 -12.79 22.50
N ASP D 73 16.18 -12.15 21.55
CA ASP D 73 15.10 -12.84 20.83
C ASP D 73 15.59 -14.07 20.09
N PRO D 74 16.73 -14.07 19.37
CA PRO D 74 17.24 -15.32 18.80
C PRO D 74 17.44 -16.35 19.93
N LYS D 75 17.92 -15.92 21.10
CA LYS D 75 18.20 -16.87 22.17
C LYS D 75 16.94 -17.40 22.84
N ASN D 76 15.81 -16.72 22.69
CA ASN D 76 14.55 -17.18 23.25
C ASN D 76 14.66 -17.36 24.77
N THR D 77 15.35 -16.43 25.43
CA THR D 77 15.53 -16.47 26.87
C THR D 77 15.55 -15.05 27.41
N LEU D 78 15.10 -14.89 28.65
CA LEU D 78 15.05 -13.59 29.31
C LEU D 78 16.09 -13.52 30.43
N PHE D 79 16.75 -12.38 30.54
CA PHE D 79 17.75 -12.13 31.57
C PHE D 79 17.25 -11.04 32.51
N LEU D 80 17.53 -11.22 33.80
CA LEU D 80 17.20 -10.23 34.83
C LEU D 80 18.42 -10.12 35.76
N GLN D 81 19.20 -9.06 35.57
CA GLN D 81 20.43 -8.85 36.33
C GLN D 81 20.17 -7.92 37.49
N MET D 82 20.62 -8.31 38.68
CA MET D 82 20.46 -7.53 39.90
C MET D 82 21.81 -7.41 40.59
N THR D 83 22.04 -6.27 41.25
CA THR D 83 23.28 -6.02 41.97
C THR D 83 22.99 -5.18 43.20
N SER D 84 23.91 -5.25 44.16
CA SER D 84 23.78 -4.53 45.43
C SER D 84 22.41 -4.82 46.07
N LEU D 85 22.08 -6.10 46.12
CA LEU D 85 20.77 -6.51 46.60
C LEU D 85 20.59 -6.15 48.07
N ARG D 86 19.36 -5.81 48.44
CA ARG D 86 19.00 -5.45 49.80
C ARG D 86 18.28 -6.63 50.47
N SER D 87 18.01 -6.48 51.76
CA SER D 87 17.29 -7.52 52.49
C SER D 87 15.88 -7.69 51.95
N GLU D 88 15.20 -6.59 51.62
CA GLU D 88 13.83 -6.66 51.12
C GLU D 88 13.72 -7.33 49.76
N ASP D 89 14.84 -7.52 49.05
CA ASP D 89 14.80 -8.15 47.73
C ASP D 89 14.54 -9.64 47.79
N THR D 90 14.63 -10.26 48.97
CA THR D 90 14.35 -11.69 49.08
C THR D 90 12.87 -11.96 48.78
N ALA D 91 12.62 -12.78 47.77
CA ALA D 91 11.25 -13.06 47.35
C ALA D 91 11.29 -14.10 46.24
N MET D 92 10.10 -14.62 45.91
CA MET D 92 9.93 -15.57 44.82
C MET D 92 9.52 -14.81 43.56
N TYR D 93 10.35 -14.91 42.52
CA TYR D 93 10.19 -14.12 41.31
C TYR D 93 9.46 -14.94 40.24
N TYR D 94 8.46 -14.32 39.62
CA TYR D 94 7.73 -14.92 38.52
C TYR D 94 7.92 -14.08 37.27
N CYS D 95 8.08 -14.75 36.12
CA CYS D 95 8.11 -14.07 34.83
C CYS D 95 6.75 -14.21 34.16
N VAL D 96 6.17 -13.09 33.74
CA VAL D 96 4.81 -13.04 33.24
C VAL D 96 4.83 -12.50 31.82
N ARG D 97 4.15 -13.19 30.90
CA ARG D 97 4.02 -12.76 29.52
C ARG D 97 2.86 -11.77 29.39
N SER D 98 2.90 -10.96 28.34
CA SER D 98 1.86 -9.97 28.11
C SER D 98 1.91 -9.50 26.66
N ILE D 99 0.75 -9.56 26.00
CA ILE D 99 0.58 -9.04 24.64
C ILE D 99 -0.41 -7.89 24.69
N TYR D 100 -0.12 -6.83 23.94
CA TYR D 100 -0.90 -5.59 23.98
C TYR D 100 -1.53 -5.34 22.62
N TYR D 101 -2.82 -5.67 22.49
CA TYR D 101 -3.61 -5.26 21.35
C TYR D 101 -5.08 -5.34 21.74
N TYR D 102 -5.93 -4.74 20.91
CA TYR D 102 -7.35 -4.69 21.21
C TYR D 102 -7.90 -6.10 21.41
N GLY D 103 -8.67 -6.29 22.47
CA GLY D 103 -9.20 -7.60 22.81
C GLY D 103 -8.20 -8.54 23.45
N SER D 104 -7.01 -8.05 23.82
CA SER D 104 -5.98 -8.91 24.37
C SER D 104 -6.30 -9.29 25.82
N SER D 105 -5.55 -10.28 26.32
CA SER D 105 -5.66 -10.76 27.69
C SER D 105 -4.26 -10.79 28.29
N PRO D 106 -3.70 -9.65 28.66
CA PRO D 106 -2.34 -9.64 29.21
C PRO D 106 -2.28 -10.29 30.59
N PHE D 107 -1.08 -10.72 30.96
CA PHE D 107 -0.84 -11.44 32.21
C PHE D 107 -1.65 -12.72 32.28
N ASP D 108 -1.78 -13.42 31.14
CA ASP D 108 -2.58 -14.63 31.07
C ASP D 108 -1.79 -15.89 31.42
N PHE D 109 -0.46 -15.80 31.58
CA PHE D 109 0.36 -16.97 31.87
C PHE D 109 1.50 -16.55 32.79
N TRP D 110 1.75 -17.35 33.83
CA TRP D 110 2.80 -17.11 34.79
C TRP D 110 3.69 -18.34 34.89
N GLY D 111 4.99 -18.11 35.08
CA GLY D 111 5.94 -19.20 35.21
C GLY D 111 5.94 -19.81 36.60
N GLN D 112 6.70 -20.89 36.75
CA GLN D 112 6.75 -21.60 38.02
C GLN D 112 7.56 -20.85 39.08
N GLY D 113 8.47 -19.97 38.67
CA GLY D 113 9.10 -19.05 39.58
C GLY D 113 10.42 -19.57 40.13
N THR D 114 11.29 -18.63 40.54
CA THR D 114 12.59 -18.95 41.10
C THR D 114 12.74 -18.22 42.43
N THR D 115 13.36 -18.88 43.40
CA THR D 115 13.49 -18.37 44.76
C THR D 115 14.81 -17.62 44.93
N LEU D 116 14.75 -16.49 45.63
CA LEU D 116 15.94 -15.71 45.97
C LEU D 116 15.87 -15.35 47.44
N THR D 117 16.97 -15.60 48.17
CA THR D 117 17.05 -15.30 49.58
C THR D 117 18.42 -14.73 49.90
N VAL D 118 18.48 -13.95 50.99
CA VAL D 118 19.69 -13.27 51.41
C VAL D 118 19.94 -13.59 52.87
N SER D 119 21.19 -13.92 53.20
CA SER D 119 21.56 -14.23 54.57
C SER D 119 21.52 -12.97 55.43
N ALA D 120 21.31 -13.18 56.73
CA ALA D 120 21.26 -12.07 57.68
C ALA D 120 22.59 -11.31 57.70
N SER D 135 6.37 7.57 46.63
CA SER D 135 4.97 7.94 46.63
C SER D 135 4.47 8.16 45.21
N ALA D 136 3.33 8.86 45.08
CA ALA D 136 2.74 9.16 43.78
C ALA D 136 2.42 7.86 43.04
N ASP D 137 2.02 6.84 43.78
CA ASP D 137 1.66 5.53 43.23
C ASP D 137 0.20 5.22 43.58
N ILE D 138 -0.27 4.08 43.08
CA ILE D 138 -1.63 3.63 43.34
C ILE D 138 -1.61 2.67 44.52
N VAL D 139 -2.38 2.99 45.55
CA VAL D 139 -2.47 2.16 46.75
C VAL D 139 -3.82 1.47 46.74
N MET D 140 -3.82 0.14 46.71
CA MET D 140 -5.04 -0.65 46.72
C MET D 140 -5.30 -1.13 48.14
N THR D 141 -6.42 -0.69 48.71
CA THR D 141 -6.78 -1.07 50.08
C THR D 141 -7.69 -2.30 50.01
N GLN D 142 -7.21 -3.41 50.57
CA GLN D 142 -7.98 -4.64 50.61
C GLN D 142 -8.92 -4.59 51.82
N ALA D 143 -10.21 -4.80 51.57
CA ALA D 143 -11.19 -4.74 52.64
C ALA D 143 -10.93 -5.81 53.69
N THR D 144 -10.59 -7.02 53.27
CA THR D 144 -10.35 -8.14 54.17
C THR D 144 -9.13 -8.91 53.72
N SER D 145 -8.52 -9.62 54.68
CA SER D 145 -7.35 -10.45 54.42
C SER D 145 -7.62 -11.95 54.58
N SER D 146 -8.66 -12.32 55.31
CA SER D 146 -8.99 -13.72 55.52
C SER D 146 -10.50 -13.84 55.76
N VAL D 147 -11.15 -14.70 54.98
CA VAL D 147 -12.59 -14.91 55.10
C VAL D 147 -12.89 -16.39 55.03
N PRO D 148 -13.33 -17.04 56.13
CA PRO D 148 -13.67 -18.46 56.05
C PRO D 148 -14.84 -18.69 55.11
N VAL D 149 -14.78 -19.79 54.37
CA VAL D 149 -15.81 -20.17 53.41
C VAL D 149 -15.96 -21.69 53.44
N THR D 150 -17.05 -22.16 52.85
CA THR D 150 -17.35 -23.58 52.77
C THR D 150 -17.72 -23.95 51.34
N PRO D 151 -17.52 -25.21 50.94
CA PRO D 151 -17.88 -25.61 49.58
C PRO D 151 -19.36 -25.41 49.31
N GLY D 152 -19.67 -25.03 48.07
CA GLY D 152 -21.05 -24.82 47.65
C GLY D 152 -21.62 -23.46 47.98
N GLU D 153 -20.88 -22.60 48.66
CA GLU D 153 -21.34 -21.27 49.01
C GLU D 153 -20.82 -20.25 48.01
N SER D 154 -21.15 -18.99 48.25
CA SER D 154 -20.72 -17.87 47.41
C SER D 154 -19.90 -16.89 48.24
N VAL D 155 -18.76 -16.47 47.70
CA VAL D 155 -17.85 -15.57 48.39
C VAL D 155 -17.66 -14.33 47.52
N SER D 156 -17.80 -13.16 48.12
CA SER D 156 -17.60 -11.88 47.44
C SER D 156 -16.43 -11.16 48.09
N ILE D 157 -15.48 -10.72 47.26
CA ILE D 157 -14.29 -10.00 47.73
C ILE D 157 -14.37 -8.58 47.19
N SER D 158 -14.31 -7.61 48.09
CA SER D 158 -14.42 -6.20 47.73
C SER D 158 -13.07 -5.52 47.92
N CYS D 159 -12.79 -4.53 47.07
CA CYS D 159 -11.53 -3.80 47.12
C CYS D 159 -11.80 -2.33 46.83
N ARG D 160 -10.84 -1.50 47.22
CA ARG D 160 -10.88 -0.06 47.00
C ARG D 160 -9.58 0.39 46.35
N SER D 161 -9.68 1.38 45.46
CA SER D 161 -8.54 1.93 44.76
C SER D 161 -8.36 3.39 45.11
N SER D 162 -7.10 3.82 45.26
CA SER D 162 -6.81 5.21 45.60
C SER D 162 -7.28 6.16 44.50
N LYS D 163 -7.20 5.73 43.24
CA LYS D 163 -7.62 6.55 42.11
C LYS D 163 -8.55 5.73 41.22
N SER D 164 -9.54 6.42 40.63
CA SER D 164 -10.46 5.76 39.73
C SER D 164 -9.71 5.20 38.53
N LEU D 165 -9.99 3.95 38.19
CA LEU D 165 -9.32 3.28 37.09
C LEU D 165 -10.12 3.33 35.79
N LEU D 166 -11.25 4.03 35.77
CA LEU D 166 -12.08 4.13 34.57
C LEU D 166 -11.44 5.13 33.63
N HIS D 167 -10.62 4.62 32.70
CA HIS D 167 -9.97 5.47 31.73
C HIS D 167 -10.99 6.00 30.72
N SER D 168 -10.64 7.13 30.09
CA SER D 168 -11.57 7.77 29.17
C SER D 168 -11.94 6.87 27.99
N ASN D 169 -11.11 5.88 27.66
CA ASN D 169 -11.41 4.99 26.56
C ASN D 169 -12.55 4.03 26.88
N GLY D 170 -12.99 3.95 28.13
CA GLY D 170 -14.12 3.13 28.52
C GLY D 170 -13.76 1.83 29.22
N ASN D 171 -12.49 1.44 29.22
CA ASN D 171 -12.06 0.22 29.86
C ASN D 171 -11.36 0.52 31.18
N THR D 172 -11.58 -0.35 32.17
CA THR D 172 -10.98 -0.23 33.48
C THR D 172 -9.85 -1.25 33.60
N TYR D 173 -8.72 -0.83 34.17
CA TYR D 173 -7.53 -1.67 34.26
C TYR D 173 -7.52 -2.38 35.60
N LEU D 174 -8.19 -3.53 35.61
CA LEU D 174 -8.26 -4.40 36.79
C LEU D 174 -7.90 -5.82 36.38
N TYR D 175 -7.08 -6.47 37.20
CA TYR D 175 -6.70 -7.87 36.98
C TYR D 175 -6.80 -8.64 38.29
N TRP D 176 -7.40 -9.82 38.22
CA TRP D 176 -7.57 -10.69 39.37
C TRP D 176 -6.75 -11.96 39.17
N PHE D 177 -5.95 -12.30 40.18
CA PHE D 177 -5.07 -13.46 40.14
C PHE D 177 -5.33 -14.33 41.36
N LEU D 178 -5.24 -15.64 41.17
CA LEU D 178 -5.50 -16.62 42.21
C LEU D 178 -4.29 -17.54 42.32
N GLN D 179 -3.70 -17.60 43.52
CA GLN D 179 -2.50 -18.39 43.78
C GLN D 179 -2.83 -19.45 44.82
N ARG D 180 -3.01 -20.69 44.36
CA ARG D 180 -3.20 -21.80 45.28
C ARG D 180 -1.86 -22.21 45.91
N PRO D 181 -1.89 -22.84 47.08
CA PRO D 181 -0.62 -23.18 47.74
C PRO D 181 0.17 -24.20 46.91
N GLY D 182 1.43 -23.85 46.66
CA GLY D 182 2.32 -24.73 45.93
C GLY D 182 2.42 -24.46 44.44
N GLN D 183 1.90 -23.34 43.96
CA GLN D 183 2.02 -23.00 42.55
C GLN D 183 1.95 -21.49 42.38
N SER D 184 2.29 -21.04 41.17
CA SER D 184 2.28 -19.63 40.84
C SER D 184 0.86 -19.12 40.66
N PRO D 185 0.66 -17.80 40.69
CA PRO D 185 -0.70 -17.26 40.55
C PRO D 185 -1.26 -17.49 39.16
N GLN D 186 -2.59 -17.56 39.08
CA GLN D 186 -3.31 -17.79 37.84
C GLN D 186 -4.30 -16.67 37.62
N LEU D 187 -4.32 -16.12 36.41
CA LEU D 187 -5.23 -15.04 36.08
C LEU D 187 -6.66 -15.56 36.00
N LEU D 188 -7.59 -14.82 36.62
CA LEU D 188 -9.01 -15.17 36.58
C LEU D 188 -9.79 -14.22 35.67
N ILE D 189 -9.72 -12.92 35.93
CA ILE D 189 -10.47 -11.92 35.17
C ILE D 189 -9.55 -10.74 34.89
N TYR D 190 -9.57 -10.26 33.65
CA TYR D 190 -8.80 -9.08 33.25
C TYR D 190 -9.76 -8.01 32.76
N ARG D 191 -9.56 -6.79 33.26
CA ARG D 191 -10.42 -5.64 32.92
C ARG D 191 -11.85 -5.84 33.42
N MET D 192 -12.02 -6.65 34.47
CA MET D 192 -13.28 -6.80 35.21
C MET D 192 -14.47 -7.06 34.30
N SER D 193 -14.23 -7.45 33.05
CA SER D 193 -15.32 -7.72 32.13
C SER D 193 -15.06 -8.92 31.21
N ASN D 194 -13.96 -9.63 31.38
CA ASN D 194 -13.59 -10.73 30.50
C ASN D 194 -13.08 -11.90 31.33
N LEU D 195 -13.20 -13.10 30.79
CA LEU D 195 -12.78 -14.32 31.46
C LEU D 195 -11.52 -14.86 30.78
N ALA D 196 -10.51 -15.15 31.58
CA ALA D 196 -9.26 -15.68 31.05
C ALA D 196 -9.46 -17.11 30.55
N SER D 197 -8.60 -17.53 29.62
CA SER D 197 -8.70 -18.87 29.06
C SER D 197 -8.51 -19.92 30.14
N GLY D 198 -9.37 -20.94 30.11
CA GLY D 198 -9.30 -22.03 31.06
C GLY D 198 -9.94 -21.77 32.40
N VAL D 199 -10.57 -20.61 32.59
CA VAL D 199 -11.20 -20.27 33.86
C VAL D 199 -12.69 -20.63 33.78
N PRO D 200 -13.23 -21.42 34.72
CA PRO D 200 -14.66 -21.74 34.66
C PRO D 200 -15.51 -20.48 34.65
N ASP D 201 -16.62 -20.55 33.91
CA ASP D 201 -17.48 -19.39 33.73
C ASP D 201 -18.20 -18.96 35.01
N ARG D 202 -18.18 -19.79 36.06
CA ARG D 202 -18.87 -19.41 37.29
C ARG D 202 -18.30 -18.13 37.88
N PHE D 203 -17.05 -17.82 37.60
CA PHE D 203 -16.45 -16.58 38.09
C PHE D 203 -17.14 -15.37 37.47
N SER D 204 -17.21 -14.29 38.24
CA SER D 204 -17.81 -13.05 37.78
C SER D 204 -17.18 -11.88 38.52
N GLY D 205 -17.19 -10.72 37.88
CA GLY D 205 -16.63 -9.52 38.47
C GLY D 205 -17.40 -8.30 38.05
N SER D 206 -17.40 -7.29 38.92
CA SER D 206 -18.11 -6.04 38.67
C SER D 206 -17.42 -4.91 39.42
N GLY D 207 -17.70 -3.69 38.98
CA GLY D 207 -17.14 -2.52 39.61
C GLY D 207 -17.83 -1.27 39.12
N SER D 208 -17.62 -0.17 39.86
CA SER D 208 -18.21 1.12 39.55
C SER D 208 -17.17 2.18 39.26
N GLY D 209 -15.89 1.81 39.14
CA GLY D 209 -14.84 2.77 38.88
C GLY D 209 -13.89 2.92 40.05
N THR D 210 -14.43 2.82 41.26
CA THR D 210 -13.63 2.89 42.49
C THR D 210 -13.84 1.71 43.42
N ALA D 211 -15.06 1.19 43.52
CA ALA D 211 -15.37 0.04 44.35
C ALA D 211 -15.51 -1.20 43.48
N PHE D 212 -14.70 -2.22 43.75
CA PHE D 212 -14.62 -3.41 42.92
C PHE D 212 -14.99 -4.63 43.75
N THR D 213 -15.77 -5.52 43.15
CA THR D 213 -16.21 -6.75 43.80
C THR D 213 -15.95 -7.94 42.89
N LEU D 214 -15.46 -9.03 43.49
CA LEU D 214 -15.22 -10.28 42.78
C LEU D 214 -16.12 -11.35 43.39
N THR D 215 -17.03 -11.89 42.59
CA THR D 215 -17.98 -12.89 43.04
C THR D 215 -17.61 -14.25 42.48
N ILE D 216 -17.52 -15.25 43.37
CA ILE D 216 -17.21 -16.62 42.99
C ILE D 216 -18.42 -17.46 43.39
N SER D 217 -19.36 -17.63 42.46
CA SER D 217 -20.54 -18.44 42.73
C SER D 217 -20.21 -19.92 42.64
N ARG D 218 -20.79 -20.71 43.55
CA ARG D 218 -20.61 -22.16 43.56
C ARG D 218 -19.13 -22.51 43.70
N LEU D 219 -18.60 -22.19 44.88
CA LEU D 219 -17.19 -22.48 45.17
C LEU D 219 -16.94 -23.97 45.27
N GLU D 220 -15.84 -24.43 44.68
CA GLU D 220 -15.35 -25.79 44.80
C GLU D 220 -14.09 -25.81 45.67
N ALA D 221 -13.52 -27.01 45.82
CA ALA D 221 -12.31 -27.16 46.62
C ALA D 221 -11.09 -26.54 45.94
N GLU D 222 -11.08 -26.50 44.61
CA GLU D 222 -9.94 -25.95 43.88
C GLU D 222 -9.82 -24.44 44.03
N ASP D 223 -10.81 -23.78 44.60
CA ASP D 223 -10.77 -22.33 44.79
C ASP D 223 -9.93 -21.91 45.99
N VAL D 224 -9.45 -22.86 46.79
CA VAL D 224 -8.65 -22.53 47.96
C VAL D 224 -7.35 -21.86 47.51
N GLY D 225 -7.04 -20.71 48.11
CA GLY D 225 -5.86 -19.97 47.74
C GLY D 225 -5.94 -18.55 48.24
N VAL D 226 -5.07 -17.71 47.69
CA VAL D 226 -5.01 -16.29 48.02
C VAL D 226 -5.25 -15.50 46.75
N TYR D 227 -6.17 -14.53 46.81
CA TYR D 227 -6.56 -13.73 45.66
C TYR D 227 -5.81 -12.41 45.69
N TYR D 228 -5.24 -12.03 44.56
CA TYR D 228 -4.45 -10.81 44.42
C TYR D 228 -5.07 -9.91 43.36
N CYS D 229 -5.09 -8.61 43.64
CA CYS D 229 -5.62 -7.61 42.72
C CYS D 229 -4.48 -6.80 42.11
N MET D 230 -4.72 -6.29 40.90
CA MET D 230 -3.70 -5.56 40.16
C MET D 230 -4.37 -4.47 39.33
N GLN D 231 -3.65 -3.35 39.20
CA GLN D 231 -4.08 -2.23 38.36
C GLN D 231 -3.01 -1.97 37.30
N HIS D 232 -3.46 -1.52 36.12
CA HIS D 232 -2.56 -1.26 35.00
C HIS D 232 -2.82 0.11 34.38
N LEU D 233 -3.45 1.03 35.11
CA LEU D 233 -3.67 2.37 34.60
C LEU D 233 -2.36 3.15 34.50
N GLU D 234 -1.69 3.32 35.63
CA GLU D 234 -0.43 4.05 35.68
C GLU D 234 0.75 3.12 35.41
N TYR D 235 1.87 3.71 35.02
CA TYR D 235 3.06 2.92 34.73
C TYR D 235 3.51 2.09 35.92
N PRO D 236 3.62 2.64 37.14
CA PRO D 236 4.04 1.80 38.28
C PRO D 236 2.95 0.83 38.70
N LEU D 237 3.14 -0.45 38.39
CA LEU D 237 2.17 -1.47 38.76
C LEU D 237 2.28 -1.80 40.24
N THR D 238 1.15 -2.10 40.86
CA THR D 238 1.09 -2.42 42.28
C THR D 238 0.19 -3.61 42.50
N PHE D 239 0.37 -4.28 43.64
CA PHE D 239 -0.43 -5.41 44.04
C PHE D 239 -1.13 -5.12 45.36
N GLY D 240 -2.19 -5.88 45.63
CA GLY D 240 -2.90 -5.78 46.88
C GLY D 240 -2.26 -6.63 47.97
N ALA D 241 -2.73 -6.41 49.20
CA ALA D 241 -2.22 -7.19 50.33
C ALA D 241 -2.55 -8.67 50.20
N GLY D 242 -3.61 -9.02 49.47
CA GLY D 242 -3.97 -10.41 49.28
C GLY D 242 -4.98 -10.91 50.30
N THR D 243 -5.99 -11.63 49.82
CA THR D 243 -7.03 -12.21 50.68
C THR D 243 -6.93 -13.73 50.57
N LYS D 244 -6.77 -14.39 51.71
CA LYS D 244 -6.62 -15.85 51.74
C LYS D 244 -7.96 -16.48 52.14
N LEU D 245 -8.37 -17.50 51.39
CA LEU D 245 -9.62 -18.21 51.64
C LEU D 245 -9.32 -19.56 52.27
N GLU D 246 -10.03 -19.88 53.34
CA GLU D 246 -9.87 -21.14 54.05
C GLU D 246 -11.04 -22.05 53.74
N LEU D 247 -10.75 -23.31 53.40
CA LEU D 247 -11.78 -24.28 53.06
C LEU D 247 -12.63 -24.62 54.29
N GLN E 7 46.98 58.17 -14.45
CA GLN E 7 46.23 56.94 -14.80
C GLN E 7 44.79 57.03 -14.28
N ASP E 8 43.83 57.07 -15.20
CA ASP E 8 42.42 57.19 -14.82
C ASP E 8 41.92 55.90 -14.19
N HIS E 9 42.24 54.76 -14.81
CA HIS E 9 41.80 53.45 -14.33
C HIS E 9 42.76 52.86 -13.31
N PHE E 10 43.02 53.56 -12.22
CA PHE E 10 43.97 53.08 -11.22
C PHE E 10 43.30 52.06 -10.30
N LEU E 11 43.99 51.70 -9.24
CA LEU E 11 43.54 50.64 -8.34
C LEU E 11 42.46 51.16 -7.40
N GLU E 12 41.37 50.40 -7.28
CA GLU E 12 40.39 50.60 -6.22
C GLU E 12 40.76 49.69 -5.04
N ILE E 13 41.85 50.07 -4.38
CA ILE E 13 42.52 49.19 -3.42
C ILE E 13 41.68 49.10 -2.15
N ASP E 14 41.26 47.88 -1.81
CA ASP E 14 40.73 47.56 -0.49
C ASP E 14 41.63 46.56 0.22
N LYS E 15 41.87 45.41 -0.40
CA LYS E 15 42.91 44.48 0.02
C LYS E 15 43.73 43.94 -1.14
N LYS E 16 43.31 44.15 -2.38
CA LYS E 16 44.04 43.67 -3.55
C LYS E 16 43.90 44.69 -4.67
N ASN E 17 44.84 44.64 -5.62
CA ASN E 17 44.91 45.62 -6.70
C ASN E 17 43.83 45.34 -7.76
N CYS E 18 42.62 45.80 -7.46
CA CYS E 18 41.49 45.63 -8.37
C CYS E 18 41.50 46.68 -9.48
N CYS E 19 41.69 46.24 -10.72
CA CYS E 19 41.69 47.15 -11.88
C CYS E 19 40.32 47.20 -12.54
N VAL E 20 39.31 47.67 -11.80
CA VAL E 20 37.97 47.74 -12.36
C VAL E 20 37.87 48.92 -13.32
N PHE E 21 37.04 48.75 -14.36
CA PHE E 21 36.85 49.77 -15.39
C PHE E 21 35.40 50.24 -15.36
N ARG E 22 35.10 51.17 -16.26
CA ARG E 22 33.76 51.77 -16.35
C ARG E 22 33.60 52.29 -17.77
N ASP E 23 32.74 51.63 -18.56
CA ASP E 23 32.68 51.84 -20.00
C ASP E 23 31.26 52.18 -20.42
N ASP E 24 31.09 52.48 -21.71
CA ASP E 24 29.83 53.01 -22.21
C ASP E 24 28.88 51.90 -22.67
N PHE E 25 29.41 50.88 -23.35
CA PHE E 25 28.52 49.92 -24.01
C PHE E 25 27.65 49.14 -23.03
N ILE E 26 27.99 49.16 -21.74
CA ILE E 26 27.25 48.35 -20.77
C ILE E 26 25.77 48.74 -20.78
N VAL E 27 25.48 50.05 -20.65
CA VAL E 27 24.10 50.50 -20.68
C VAL E 27 23.47 50.34 -22.05
N LYS E 28 24.27 50.33 -23.11
CA LYS E 28 23.73 50.18 -24.46
C LYS E 28 23.36 48.74 -24.79
N VAL E 29 23.90 47.76 -24.06
CA VAL E 29 23.77 46.37 -24.48
C VAL E 29 23.13 45.48 -23.41
N LEU E 30 23.22 45.86 -22.14
CA LEU E 30 22.69 45.02 -21.06
C LEU E 30 21.18 45.12 -20.90
N PRO E 31 20.58 46.31 -21.05
CA PRO E 31 19.15 46.45 -20.71
C PRO E 31 18.28 45.47 -21.47
N PRO E 32 18.40 45.37 -22.79
CA PRO E 32 17.51 44.44 -23.51
C PRO E 32 17.65 43.01 -23.04
N VAL E 33 18.88 42.52 -22.95
CA VAL E 33 19.10 41.12 -22.59
C VAL E 33 18.56 40.85 -21.20
N LEU E 34 18.93 41.68 -20.22
CA LEU E 34 18.50 41.41 -18.85
C LEU E 34 16.99 41.57 -18.70
N GLY E 35 16.38 42.56 -19.36
CA GLY E 35 14.94 42.72 -19.27
C GLY E 35 14.19 41.53 -19.84
N LEU E 36 14.59 41.06 -21.02
CA LEU E 36 13.93 39.91 -21.62
C LEU E 36 14.14 38.65 -20.78
N GLU E 37 15.36 38.47 -20.25
CA GLU E 37 15.64 37.33 -19.41
C GLU E 37 14.79 37.33 -18.15
N PHE E 38 14.65 38.48 -17.49
CA PHE E 38 13.87 38.53 -16.27
C PHE E 38 12.47 37.97 -16.49
N ILE E 39 11.72 38.57 -17.42
CA ILE E 39 10.36 38.11 -17.68
C ILE E 39 10.38 36.65 -18.11
N PHE E 40 11.04 36.34 -19.24
CA PHE E 40 10.97 34.98 -19.75
C PHE E 40 11.30 33.94 -18.68
N GLY E 41 12.37 34.13 -17.92
CA GLY E 41 12.72 33.22 -16.86
C GLY E 41 11.65 33.13 -15.79
N LEU E 42 11.14 34.27 -15.30
CA LEU E 42 10.16 34.18 -14.22
C LEU E 42 8.89 33.47 -14.69
N LEU E 43 8.39 33.80 -15.87
CA LEU E 43 7.20 33.11 -16.39
C LEU E 43 7.47 31.62 -16.55
N GLY E 44 8.54 31.27 -17.26
CA GLY E 44 8.78 29.87 -17.57
C GLY E 44 9.06 29.03 -16.33
N ASN E 45 9.66 29.62 -15.31
CA ASN E 45 10.02 28.87 -14.12
C ASN E 45 8.88 28.84 -13.13
N GLY E 46 8.17 29.96 -12.95
CA GLY E 46 7.04 29.97 -12.06
C GLY E 46 5.92 29.07 -12.53
N LEU E 47 5.70 28.99 -13.84
CA LEU E 47 4.70 28.05 -14.33
C LEU E 47 5.09 26.61 -13.98
N ALA E 48 6.38 26.28 -14.09
CA ALA E 48 6.84 24.95 -13.68
C ALA E 48 6.64 24.71 -12.19
N LEU E 49 6.93 25.72 -11.36
CA LEU E 49 6.69 25.57 -9.92
C LEU E 49 5.21 25.33 -9.63
N TRP E 50 4.32 26.09 -10.27
CA TRP E 50 2.89 25.87 -10.07
C TRP E 50 2.48 24.49 -10.54
N ILE E 51 3.05 24.03 -11.67
CA ILE E 51 2.77 22.69 -12.15
C ILE E 51 3.16 21.66 -11.10
N PHE E 52 4.36 21.81 -10.53
CA PHE E 52 4.79 20.91 -9.47
C PHE E 52 3.87 20.97 -8.26
N CYS E 53 3.33 22.15 -7.96
CA CYS E 53 2.46 22.31 -6.80
C CYS E 53 1.19 21.48 -6.88
N PHE E 54 0.78 21.06 -8.08
CA PHE E 54 -0.41 20.22 -8.20
C PHE E 54 -0.22 18.96 -9.06
N HIS E 55 0.94 18.75 -9.68
CA HIS E 55 1.18 17.52 -10.42
C HIS E 55 1.51 16.38 -9.45
N SER E 58 3.47 13.24 -9.15
CA SER E 58 3.50 12.50 -7.90
C SER E 58 4.67 12.95 -7.04
N TRP E 59 4.94 12.19 -5.97
CA TRP E 59 6.00 12.53 -5.03
C TRP E 59 7.26 11.71 -5.23
N LYS E 60 7.37 10.97 -6.34
CA LYS E 60 8.53 10.11 -6.55
C LYS E 60 9.81 10.93 -6.58
N SER E 61 10.90 10.31 -6.15
CA SER E 61 12.16 11.01 -5.90
C SER E 61 12.74 11.65 -7.16
N SER E 62 12.29 11.21 -8.34
CA SER E 62 12.88 11.71 -9.58
C SER E 62 12.69 13.22 -9.71
N ARG E 63 11.51 13.73 -9.35
CA ARG E 63 11.20 15.14 -9.57
C ARG E 63 11.72 16.04 -8.45
N ILE E 64 12.26 15.49 -7.37
CA ILE E 64 12.76 16.33 -6.29
C ILE E 64 13.91 17.20 -6.78
N PHE E 65 14.85 16.61 -7.52
CA PHE E 65 15.97 17.38 -8.05
C PHE E 65 15.50 18.45 -9.02
N LEU E 66 14.52 18.12 -9.88
CA LEU E 66 14.01 19.09 -10.82
C LEU E 66 13.33 20.26 -10.09
N PHE E 67 12.56 19.96 -9.04
CA PHE E 67 11.93 21.03 -8.27
C PHE E 67 12.99 21.89 -7.57
N ASN E 68 14.04 21.26 -7.06
CA ASN E 68 15.11 22.02 -6.42
C ASN E 68 15.79 22.95 -7.42
N LEU E 69 16.04 22.46 -8.63
CA LEU E 69 16.62 23.30 -9.68
C LEU E 69 15.66 24.43 -10.04
N ALA E 70 14.36 24.15 -10.09
CA ALA E 70 13.38 25.17 -10.43
C ALA E 70 13.38 26.29 -9.38
N VAL E 71 13.39 25.93 -8.10
CA VAL E 71 13.40 26.96 -7.06
C VAL E 71 14.72 27.72 -7.07
N ALA E 72 15.83 27.03 -7.36
CA ALA E 72 17.11 27.71 -7.45
C ALA E 72 17.09 28.76 -8.56
N ASP E 73 16.54 28.39 -9.73
CA ASP E 73 16.42 29.35 -10.82
C ASP E 73 15.47 30.50 -10.46
N PHE E 74 14.37 30.18 -9.77
CA PHE E 74 13.44 31.24 -9.36
C PHE E 74 14.15 32.25 -8.48
N LEU E 75 14.93 31.77 -7.51
CA LEU E 75 15.68 32.69 -6.67
C LEU E 75 16.74 33.44 -7.47
N LEU E 76 17.38 32.77 -8.42
CA LEU E 76 18.45 33.40 -9.20
C LEU E 76 17.92 34.59 -9.99
N ILE E 77 16.82 34.40 -10.71
CA ILE E 77 16.37 35.41 -11.66
C ILE E 77 15.89 36.70 -10.99
N ILE E 78 15.83 36.74 -9.66
CA ILE E 78 15.39 37.95 -8.97
C ILE E 78 16.56 38.92 -8.79
N CYS E 79 17.74 38.38 -8.45
CA CYS E 79 18.90 39.25 -8.24
C CYS E 79 19.37 39.91 -9.53
N LEU E 80 19.23 39.22 -10.67
CA LEU E 80 19.72 39.78 -11.92
C LEU E 80 19.07 41.12 -12.24
N PRO E 81 17.76 41.32 -12.05
CA PRO E 81 17.17 42.64 -12.28
C PRO E 81 17.78 43.76 -11.43
N PHE E 82 18.58 43.37 -10.46
CA PHE E 82 19.28 44.39 -9.63
C PHE E 82 20.63 44.58 -10.29
N LEU E 83 21.28 43.48 -10.67
CA LEU E 83 22.55 43.63 -11.42
C LEU E 83 22.25 44.60 -12.55
N MET E 84 21.03 44.55 -13.10
CA MET E 84 20.64 45.55 -14.12
C MET E 84 20.71 46.95 -13.49
N ASP E 85 20.00 47.19 -12.39
CA ASP E 85 20.01 48.55 -11.83
C ASP E 85 21.45 49.06 -11.72
N ASN E 86 22.36 48.19 -11.29
CA ASN E 86 23.77 48.56 -11.22
C ASN E 86 24.30 48.99 -12.58
N TYR E 87 24.00 48.21 -13.63
CA TYR E 87 24.48 48.52 -14.96
C TYR E 87 23.83 49.77 -15.53
N VAL E 88 22.56 50.02 -15.21
CA VAL E 88 21.87 51.18 -15.77
C VAL E 88 22.57 52.47 -15.36
N ARG E 89 23.03 52.49 -14.09
CA ARG E 89 23.79 53.65 -13.57
C ARG E 89 25.27 53.47 -13.90
N ARG E 90 25.59 52.48 -14.73
CA ARG E 90 26.97 52.26 -15.15
C ARG E 90 27.90 52.18 -13.93
N TRP E 91 27.71 51.14 -13.12
CA TRP E 91 28.56 50.88 -11.94
C TRP E 91 28.30 51.90 -10.84
N ASP E 92 27.02 52.16 -10.57
CA ASP E 92 26.60 52.90 -9.38
C ASP E 92 25.45 52.14 -8.73
N TRP E 93 25.39 52.18 -7.41
CA TRP E 93 24.44 51.38 -6.66
C TRP E 93 23.89 52.21 -5.51
N LYS E 94 22.56 52.17 -5.35
CA LYS E 94 21.85 53.13 -4.49
C LYS E 94 21.69 52.66 -3.05
N PHE E 95 21.66 51.36 -2.80
CA PHE E 95 21.29 50.82 -1.49
C PHE E 95 22.51 50.56 -0.64
N GLY E 96 22.27 50.05 0.57
CA GLY E 96 23.32 49.85 1.54
C GLY E 96 24.11 48.58 1.32
N ASP E 97 25.04 48.34 2.25
CA ASP E 97 25.91 47.17 2.16
C ASP E 97 25.12 45.88 2.38
N ILE E 98 24.20 45.88 3.33
CA ILE E 98 23.47 44.67 3.69
C ILE E 98 22.70 44.16 2.47
N PRO E 99 21.89 44.99 1.81
CA PRO E 99 21.22 44.51 0.59
C PRO E 99 22.19 44.05 -0.48
N CYS E 100 23.30 44.79 -0.67
CA CYS E 100 24.26 44.45 -1.71
C CYS E 100 24.80 43.04 -1.51
N ARG E 101 25.33 42.77 -0.32
CA ARG E 101 25.94 41.47 -0.08
C ARG E 101 24.90 40.37 0.03
N LEU E 102 23.72 40.67 0.58
CA LEU E 102 22.67 39.65 0.63
C LEU E 102 22.27 39.22 -0.78
N MET E 103 22.07 40.18 -1.68
CA MET E 103 21.62 39.85 -3.03
C MET E 103 22.73 39.18 -3.82
N LEU E 104 23.98 39.62 -3.64
CA LEU E 104 25.09 38.96 -4.32
C LEU E 104 25.27 37.52 -3.84
N PHE E 105 25.15 37.30 -2.53
CA PHE E 105 25.18 35.94 -1.99
C PHE E 105 24.05 35.10 -2.56
N MET E 106 22.86 35.68 -2.65
CA MET E 106 21.74 34.96 -3.26
C MET E 106 22.07 34.56 -4.69
N LEU E 107 22.62 35.50 -5.47
CA LEU E 107 22.93 35.21 -6.86
C LEU E 107 23.96 34.09 -6.98
N ALA E 108 25.06 34.20 -6.25
CA ALA E 108 26.12 33.19 -6.33
C ALA E 108 25.63 31.83 -5.87
N MET E 109 24.91 31.78 -4.73
CA MET E 109 24.40 30.52 -4.24
C MET E 109 23.41 29.92 -5.22
N ASN E 110 22.58 30.75 -5.85
CA ASN E 110 21.62 30.26 -6.83
C ASN E 110 22.33 29.64 -8.02
N ARG E 111 23.36 30.32 -8.53
CA ARG E 111 24.09 29.77 -9.67
C ARG E 111 24.75 28.44 -9.31
N GLN E 112 25.41 28.39 -8.16
CA GLN E 112 26.07 27.16 -7.74
C GLN E 112 25.05 26.03 -7.56
N GLY E 113 23.91 26.34 -6.95
CA GLY E 113 22.89 25.33 -6.74
C GLY E 113 22.31 24.84 -8.05
N SER E 114 22.10 25.74 -9.00
CA SER E 114 21.61 25.33 -10.32
C SER E 114 22.60 24.38 -10.99
N ILE E 115 23.89 24.72 -10.95
CA ILE E 115 24.89 23.85 -11.57
C ILE E 115 24.91 22.50 -10.87
N ILE E 116 24.88 22.50 -9.54
CA ILE E 116 24.94 21.24 -8.79
C ILE E 116 23.72 20.38 -9.08
N PHE E 117 22.54 20.99 -9.13
CA PHE E 117 21.33 20.23 -9.42
C PHE E 117 21.33 19.68 -10.83
N LEU E 118 21.85 20.45 -11.79
CA LEU E 118 22.00 19.93 -13.14
C LEU E 118 22.91 18.72 -13.16
N THR E 119 24.04 18.80 -12.46
CA THR E 119 24.95 17.66 -12.39
C THR E 119 24.28 16.46 -11.73
N VAL E 120 23.50 16.69 -10.67
CA VAL E 120 22.82 15.61 -9.98
C VAL E 120 21.79 14.95 -10.90
N VAL E 121 21.06 15.75 -11.67
CA VAL E 121 20.08 15.19 -12.60
C VAL E 121 20.80 14.37 -13.67
N ALA E 122 21.93 14.87 -14.17
CA ALA E 122 22.69 14.12 -15.16
C ALA E 122 23.16 12.78 -14.58
N VAL E 123 23.64 12.79 -13.34
CA VAL E 123 24.10 11.55 -12.72
C VAL E 123 22.92 10.60 -12.51
N ASP E 124 21.76 11.13 -12.14
CA ASP E 124 20.57 10.30 -11.96
C ASP E 124 20.18 9.63 -13.27
N ARG E 125 20.18 10.39 -14.37
CA ARG E 125 19.89 9.81 -15.67
C ARG E 125 20.93 8.75 -16.05
N TYR E 126 22.20 9.02 -15.77
CA TYR E 126 23.24 8.05 -16.07
C TYR E 126 23.01 6.75 -15.30
N PHE E 127 22.64 6.86 -14.03
CA PHE E 127 22.37 5.66 -13.23
C PHE E 127 21.14 4.93 -13.75
N ARG E 128 20.10 5.69 -14.15
CA ARG E 128 18.85 5.07 -14.57
C ARG E 128 18.91 4.50 -15.98
N VAL E 129 19.93 4.85 -16.77
CA VAL E 129 20.15 4.27 -18.09
C VAL E 129 21.23 3.18 -18.06
N VAL E 130 22.44 3.56 -17.67
CA VAL E 130 23.58 2.64 -17.77
C VAL E 130 23.46 1.51 -16.74
N HIS E 131 23.00 1.81 -15.52
CA HIS E 131 22.87 0.81 -14.45
C HIS E 131 21.44 0.79 -13.94
N PRO E 132 20.50 0.20 -14.71
CA PRO E 132 19.12 0.13 -14.23
C PRO E 132 18.96 -0.62 -12.93
N HIS E 133 19.75 -1.66 -12.68
CA HIS E 133 19.65 -2.45 -11.46
C HIS E 133 20.72 -2.00 -10.47
N HIS E 134 20.45 -0.87 -9.83
CA HIS E 134 21.36 -0.30 -8.85
C HIS E 134 20.53 0.45 -7.81
N ALA E 135 21.19 1.30 -7.02
CA ALA E 135 20.51 2.05 -5.97
C ALA E 135 19.68 3.17 -6.57
N LEU E 136 18.68 2.81 -7.37
CA LEU E 136 17.85 3.80 -8.05
C LEU E 136 16.38 3.40 -8.04
N ASN E 137 16.06 2.23 -7.47
CA ASN E 137 14.69 1.74 -7.48
C ASN E 137 13.72 2.84 -7.11
N LYS E 138 14.01 3.48 -5.98
CA LYS E 138 13.18 4.64 -5.55
C LYS E 138 13.96 5.50 -4.55
N ILE E 139 15.26 5.23 -4.31
CA ILE E 139 16.06 5.98 -3.28
C ILE E 139 15.04 6.64 -2.36
N SER E 140 14.56 5.90 -1.36
CA SER E 140 13.42 6.38 -0.58
C SER E 140 13.46 7.89 -0.34
N ASN E 141 12.34 8.55 -0.61
CA ASN E 141 12.25 10.01 -0.70
C ASN E 141 13.04 10.71 0.40
N ARG E 142 13.11 10.12 1.59
CA ARG E 142 13.88 10.73 2.66
C ARG E 142 15.35 10.83 2.30
N THR E 143 15.91 9.79 1.67
CA THR E 143 17.31 9.84 1.27
C THR E 143 17.57 10.97 0.28
N ALA E 144 16.72 11.10 -0.74
CA ALA E 144 16.88 12.16 -1.71
C ALA E 144 16.72 13.53 -1.06
N ALA E 145 15.77 13.66 -0.13
CA ALA E 145 15.55 14.93 0.54
C ALA E 145 16.77 15.32 1.35
N ILE E 146 17.35 14.38 2.10
CA ILE E 146 18.54 14.71 2.89
C ILE E 146 19.71 15.01 1.98
N ILE E 147 19.82 14.31 0.84
CA ILE E 147 20.90 14.62 -0.11
C ILE E 147 20.75 16.04 -0.63
N SER E 148 19.52 16.43 -0.97
CA SER E 148 19.28 17.78 -1.46
C SER E 148 19.59 18.82 -0.39
N CYS E 149 19.19 18.54 0.85
CA CYS E 149 19.49 19.47 1.95
C CYS E 149 21.00 19.60 2.15
N LEU E 150 21.73 18.49 2.07
CA LEU E 150 23.19 18.55 2.19
C LEU E 150 23.80 19.36 1.04
N LEU E 151 23.28 19.18 -0.18
CA LEU E 151 23.78 19.96 -1.30
C LEU E 151 23.53 21.44 -1.09
N TRP E 152 22.34 21.81 -0.62
CA TRP E 152 22.04 23.21 -0.33
C TRP E 152 22.98 23.74 0.75
N GLY E 153 23.21 22.96 1.80
CA GLY E 153 24.10 23.41 2.86
C GLY E 153 25.52 23.62 2.38
N ILE E 154 26.03 22.70 1.56
CA ILE E 154 27.41 22.83 1.10
C ILE E 154 27.56 23.99 0.13
N THR E 155 26.56 24.20 -0.74
CA THR E 155 26.64 25.36 -1.64
C THR E 155 26.53 26.67 -0.86
N ILE E 156 25.73 26.70 0.20
CA ILE E 156 25.65 27.90 1.03
C ILE E 156 26.99 28.13 1.71
N GLY E 157 27.61 27.07 2.23
CA GLY E 157 28.88 27.21 2.90
C GLY E 157 29.99 27.71 1.98
N LEU E 158 30.03 27.21 0.74
CA LEU E 158 31.03 27.65 -0.21
C LEU E 158 30.78 29.07 -0.72
N THR E 159 29.61 29.64 -0.44
CA THR E 159 29.26 30.98 -0.90
C THR E 159 29.18 32.00 0.22
N VAL E 160 29.16 31.57 1.48
CA VAL E 160 29.12 32.52 2.58
C VAL E 160 30.37 33.39 2.61
N HIS E 161 31.43 32.96 1.90
CA HIS E 161 32.63 33.76 1.77
C HIS E 161 32.30 35.14 1.23
N LEU E 162 31.24 35.22 0.40
CA LEU E 162 30.81 36.50 -0.13
C LEU E 162 30.09 37.34 0.92
N LEU E 163 29.34 36.70 1.82
CA LEU E 163 28.54 37.41 2.80
C LEU E 163 29.38 38.05 3.91
N LYS E 164 30.68 37.76 3.99
CA LYS E 164 31.56 38.49 4.89
C LYS E 164 31.75 39.87 4.27
N LYS E 165 30.86 40.79 4.63
CA LYS E 165 30.79 42.07 3.96
C LYS E 165 32.04 42.90 4.26
N LYS E 166 32.65 43.44 3.20
CA LYS E 166 33.79 44.34 3.36
C LYS E 166 33.33 45.79 3.39
N MET E 167 32.74 46.26 2.29
CA MET E 167 32.12 47.57 2.14
C MET E 167 31.54 47.70 0.73
N PRO E 168 30.57 48.59 0.51
CA PRO E 168 30.17 48.91 -0.86
C PRO E 168 31.21 49.79 -1.53
N ILE E 169 32.25 49.18 -2.08
CA ILE E 169 33.38 49.94 -2.61
C ILE E 169 32.88 51.01 -3.56
N GLN E 170 33.43 52.21 -3.44
CA GLN E 170 33.04 53.36 -4.26
C GLN E 170 34.19 53.71 -5.20
N ASN E 171 33.89 53.81 -6.48
CA ASN E 171 34.91 54.15 -7.47
C ASN E 171 35.16 55.66 -7.50
N GLY E 172 34.13 56.41 -7.87
CA GLY E 172 34.20 57.87 -7.83
C GLY E 172 33.13 58.42 -6.91
N GLY E 173 32.94 57.76 -5.77
CA GLY E 173 31.80 58.04 -4.92
C GLY E 173 30.56 57.27 -5.27
N ALA E 174 30.63 56.37 -6.26
CA ALA E 174 29.52 55.54 -6.68
C ALA E 174 29.82 54.09 -6.34
N ASN E 175 28.90 53.44 -5.64
CA ASN E 175 29.12 52.08 -5.18
C ASN E 175 29.04 51.09 -6.33
N LEU E 176 30.00 50.19 -6.40
CA LEU E 176 30.00 49.09 -7.37
C LEU E 176 30.00 47.77 -6.61
N CYS E 177 29.16 46.84 -7.04
CA CYS E 177 28.94 45.59 -6.33
C CYS E 177 29.60 44.39 -7.01
N SER E 178 30.57 44.62 -7.89
CA SER E 178 31.16 43.54 -8.65
C SER E 178 32.13 42.73 -7.79
N SER E 179 31.83 41.45 -7.59
CA SER E 179 32.81 40.54 -7.01
C SER E 179 33.84 40.09 -8.03
N PHE E 180 33.53 40.36 -9.29
CA PHE E 180 34.46 39.97 -10.38
C PHE E 180 35.29 41.19 -10.76
N SER E 181 36.60 40.99 -10.90
CA SER E 181 37.50 42.07 -11.30
C SER E 181 38.84 41.46 -11.68
N ILE E 182 39.75 42.31 -12.13
CA ILE E 182 41.12 41.91 -12.43
C ILE E 182 41.96 42.23 -11.20
N CYS E 183 42.51 41.19 -10.57
CA CYS E 183 43.12 41.33 -9.26
C CYS E 183 44.54 40.79 -9.29
N HIS E 184 45.32 41.19 -8.28
CA HIS E 184 46.71 40.76 -8.14
C HIS E 184 46.84 39.38 -7.53
N THR E 185 45.79 38.85 -6.91
CA THR E 185 45.87 37.57 -6.22
C THR E 185 44.74 36.66 -6.70
N PHE E 186 45.00 35.35 -6.68
CA PHE E 186 44.02 34.35 -7.08
C PHE E 186 43.27 33.82 -5.85
N GLN E 187 42.36 34.66 -5.34
CA GLN E 187 41.61 34.31 -4.16
C GLN E 187 40.62 33.18 -4.46
N TRP E 188 39.86 32.79 -3.43
CA TRP E 188 38.99 31.62 -3.56
C TRP E 188 37.95 31.80 -4.66
N HIS E 189 37.34 32.98 -4.75
CA HIS E 189 36.25 33.19 -5.69
C HIS E 189 36.66 32.95 -7.14
N GLU E 190 37.94 33.06 -7.48
CA GLU E 190 38.37 32.76 -8.85
C GLU E 190 38.46 31.25 -9.09
N ALA E 191 38.94 30.50 -8.10
CA ALA E 191 39.00 29.05 -8.25
C ALA E 191 37.60 28.46 -8.33
N MET E 192 36.66 28.99 -7.55
CA MET E 192 35.29 28.49 -7.59
C MET E 192 34.69 28.65 -8.98
N PHE E 193 34.93 29.79 -9.62
CA PHE E 193 34.41 30.01 -10.97
C PHE E 193 34.95 28.99 -11.96
N LEU E 194 36.13 28.43 -11.70
CA LEU E 194 36.70 27.40 -12.55
C LEU E 194 36.28 26.00 -12.12
N LEU E 195 36.23 25.75 -10.80
CA LEU E 195 35.81 24.45 -10.32
C LEU E 195 34.34 24.19 -10.63
N GLU E 196 33.53 25.25 -10.67
CA GLU E 196 32.12 25.11 -10.99
C GLU E 196 31.88 24.69 -12.43
N PHE E 197 32.91 24.71 -13.28
CA PHE E 197 32.77 24.36 -14.68
C PHE E 197 33.46 23.04 -15.01
N PHE E 198 34.76 22.92 -14.72
CA PHE E 198 35.51 21.74 -15.15
C PHE E 198 34.93 20.46 -14.57
N LEU E 199 34.65 20.46 -13.26
CA LEU E 199 34.15 19.23 -12.63
C LEU E 199 32.73 18.91 -13.10
N PRO E 200 31.74 19.80 -12.93
CA PRO E 200 30.40 19.46 -13.43
C PRO E 200 30.37 19.20 -14.93
N LEU E 201 31.13 19.95 -15.73
CA LEU E 201 31.15 19.72 -17.16
C LEU E 201 31.69 18.33 -17.48
N GLY E 202 32.80 17.95 -16.85
CA GLY E 202 33.34 16.62 -17.08
C GLY E 202 32.39 15.53 -16.65
N ILE E 203 31.73 15.71 -15.50
CA ILE E 203 30.81 14.69 -15.00
C ILE E 203 29.65 14.52 -15.97
N ILE E 204 29.06 15.64 -16.42
CA ILE E 204 27.90 15.55 -17.30
C ILE E 204 28.30 14.99 -18.66
N LEU E 205 29.48 15.38 -19.16
CA LEU E 205 29.95 14.83 -20.44
C LEU E 205 30.16 13.33 -20.34
N PHE E 206 30.77 12.86 -19.26
CA PHE E 206 30.97 11.42 -19.08
C PHE E 206 29.63 10.70 -18.98
N CYS E 207 28.69 11.26 -18.23
CA CYS E 207 27.38 10.63 -18.09
C CYS E 207 26.68 10.54 -19.44
N SER E 208 26.71 11.62 -20.23
CA SER E 208 26.07 11.60 -21.53
C SER E 208 26.73 10.60 -22.46
N ALA E 209 28.07 10.55 -22.46
CA ALA E 209 28.78 9.61 -23.31
C ALA E 209 28.44 8.17 -22.95
N ARG E 210 28.42 7.86 -21.65
CA ARG E 210 28.07 6.51 -21.22
C ARG E 210 26.63 6.16 -21.57
N ILE E 211 25.71 7.12 -21.40
CA ILE E 211 24.31 6.88 -21.75
C ILE E 211 24.20 6.56 -23.24
N ILE E 212 24.87 7.37 -24.08
CA ILE E 212 24.81 7.14 -25.52
C ILE E 212 25.38 5.78 -25.86
N TRP E 213 26.53 5.44 -25.28
CA TRP E 213 27.17 4.16 -25.59
C TRP E 213 26.27 3.00 -25.21
N SER E 214 25.73 3.01 -23.99
CA SER E 214 24.89 1.91 -23.54
C SER E 214 23.62 1.81 -24.37
N LEU E 215 23.00 2.95 -24.70
CA LEU E 215 21.77 2.90 -25.48
C LEU E 215 22.02 2.38 -26.88
N ARG E 216 23.14 2.77 -27.50
CA ARG E 216 23.45 2.29 -28.85
C ARG E 216 23.96 0.86 -28.86
N GLN E 217 24.44 0.35 -27.72
CA GLN E 217 25.00 -1.00 -27.68
C GLN E 217 23.95 -2.03 -28.09
N ARG E 218 22.89 -2.17 -27.28
CA ARG E 218 21.86 -3.17 -27.56
C ARG E 218 20.45 -2.66 -27.25
N GLN E 219 20.24 -1.35 -27.24
CA GLN E 219 18.94 -0.77 -26.94
C GLN E 219 18.51 0.09 -28.14
N MET E 220 17.86 -0.55 -29.11
CA MET E 220 17.33 0.14 -30.28
C MET E 220 15.82 0.29 -30.13
N ASP E 221 15.33 1.53 -30.23
CA ASP E 221 13.90 1.80 -30.19
C ASP E 221 13.67 3.03 -31.07
N ARG E 222 13.32 2.79 -32.34
CA ARG E 222 13.15 3.85 -33.32
C ARG E 222 11.74 4.42 -33.32
N HIS E 223 10.97 4.21 -32.25
CA HIS E 223 9.61 4.74 -32.18
C HIS E 223 9.58 6.14 -31.57
N ALA E 224 10.46 7.01 -32.08
CA ALA E 224 10.47 8.42 -31.69
C ALA E 224 10.57 8.61 -30.19
N LYS E 225 11.09 7.63 -29.47
CA LYS E 225 11.31 7.73 -28.03
C LYS E 225 12.79 7.80 -27.67
N ILE E 226 13.58 6.80 -28.07
CA ILE E 226 14.99 6.80 -27.71
C ILE E 226 15.74 7.90 -28.46
N LYS E 227 15.40 8.10 -29.74
CA LYS E 227 16.04 9.17 -30.51
C LYS E 227 15.70 10.54 -29.92
N ARG E 228 14.45 10.72 -29.50
CA ARG E 228 14.05 11.99 -28.89
C ARG E 228 14.85 12.27 -27.62
N ALA E 229 14.98 11.26 -26.76
CA ALA E 229 15.75 11.44 -25.54
C ALA E 229 17.22 11.73 -25.85
N ILE E 230 17.78 11.01 -26.82
CA ILE E 230 19.18 11.22 -27.19
C ILE E 230 19.41 12.65 -27.66
N THR E 231 18.55 13.13 -28.56
CA THR E 231 18.73 14.49 -29.07
C THR E 231 18.50 15.51 -27.97
N PHE E 232 17.54 15.28 -27.08
CA PHE E 232 17.28 16.22 -26.00
C PHE E 232 18.50 16.35 -25.09
N ILE E 233 19.07 15.22 -24.67
CA ILE E 233 20.23 15.28 -23.78
C ILE E 233 21.42 15.88 -24.50
N MET E 234 21.60 15.55 -25.79
CA MET E 234 22.72 16.14 -26.53
C MET E 234 22.58 17.65 -26.60
N VAL E 235 21.38 18.15 -26.91
CA VAL E 235 21.20 19.59 -27.05
C VAL E 235 21.33 20.29 -25.70
N VAL E 236 20.85 19.67 -24.62
CA VAL E 236 20.99 20.33 -23.32
C VAL E 236 22.46 20.39 -22.91
N ALA E 237 23.23 19.33 -23.19
CA ALA E 237 24.66 19.39 -22.93
C ALA E 237 25.32 20.48 -23.78
N ILE E 238 24.92 20.58 -25.05
CA ILE E 238 25.52 21.58 -25.93
C ILE E 238 25.23 22.99 -25.44
N VAL E 239 23.99 23.25 -25.01
CA VAL E 239 23.64 24.59 -24.55
C VAL E 239 24.36 24.90 -23.24
N PHE E 240 24.50 23.92 -22.35
CA PHE E 240 25.30 24.13 -21.15
C PHE E 240 26.73 24.52 -21.50
N VAL E 241 27.34 23.79 -22.44
CA VAL E 241 28.71 24.08 -22.84
C VAL E 241 28.80 25.48 -23.43
N ILE E 242 27.89 25.82 -24.34
CA ILE E 242 27.97 27.12 -25.01
C ILE E 242 27.76 28.24 -24.00
N CYS E 243 26.92 28.02 -23.00
CA CYS E 243 26.65 29.06 -22.01
C CYS E 243 27.85 29.27 -21.09
N PHE E 244 28.50 28.19 -20.65
CA PHE E 244 29.51 28.34 -19.60
C PHE E 244 30.94 28.44 -20.12
N LEU E 245 31.23 27.93 -21.32
CA LEU E 245 32.61 27.96 -21.81
C LEU E 245 33.15 29.37 -22.03
N PRO E 246 32.43 30.28 -22.69
CA PRO E 246 33.07 31.58 -23.03
C PRO E 246 33.56 32.35 -21.82
N SER E 247 32.79 32.36 -20.73
CA SER E 247 33.20 33.12 -19.55
C SER E 247 34.45 32.52 -18.91
N VAL E 248 34.52 31.20 -18.79
CA VAL E 248 35.69 30.58 -18.19
C VAL E 248 36.91 30.77 -19.08
N VAL E 249 36.71 30.74 -20.40
CA VAL E 249 37.83 31.01 -21.32
C VAL E 249 38.32 32.44 -21.15
N VAL E 250 37.39 33.39 -21.02
CA VAL E 250 37.77 34.79 -20.86
C VAL E 250 38.56 34.97 -19.56
N ARG E 251 38.10 34.35 -18.49
CA ARG E 251 38.82 34.47 -17.21
C ARG E 251 40.17 33.78 -17.29
N ILE E 252 40.26 32.68 -18.03
CA ILE E 252 41.54 32.01 -18.21
C ILE E 252 42.53 32.94 -18.91
N ARG E 253 42.07 33.63 -19.96
CA ARG E 253 42.93 34.60 -20.63
C ARG E 253 43.30 35.75 -19.70
N ILE E 254 42.34 36.20 -18.88
CA ILE E 254 42.61 37.29 -17.95
C ILE E 254 43.74 36.91 -17.00
N PHE E 255 43.65 35.71 -16.42
CA PHE E 255 44.65 35.29 -15.45
C PHE E 255 45.97 34.91 -16.12
N TRP E 256 45.93 34.48 -17.38
CA TRP E 256 47.17 34.28 -18.14
C TRP E 256 47.89 35.61 -18.34
N LEU E 257 47.13 36.66 -18.69
CA LEU E 257 47.73 37.98 -18.84
C LEU E 257 48.25 38.49 -17.51
N LEU E 258 47.50 38.26 -16.43
CA LEU E 258 47.84 38.82 -15.13
C LEU E 258 49.24 38.37 -14.69
N HIS E 259 49.50 37.06 -14.71
CA HIS E 259 50.77 36.55 -14.23
C HIS E 259 51.90 36.78 -15.23
N THR E 260 51.62 36.66 -16.52
CA THR E 260 52.64 36.82 -17.55
C THR E 260 53.00 38.29 -17.79
N SER E 261 53.50 38.98 -16.76
CA SER E 261 53.77 40.40 -16.85
C SER E 261 52.47 41.17 -17.11
N GLY E 262 52.48 42.47 -16.85
CA GLY E 262 51.28 43.26 -17.07
C GLY E 262 50.27 43.17 -15.96
N THR E 263 50.69 42.83 -14.74
CA THR E 263 49.78 42.86 -13.61
C THR E 263 49.24 44.27 -13.37
N GLN E 264 49.90 45.28 -13.92
CA GLN E 264 49.48 46.67 -13.81
C GLN E 264 49.71 47.35 -15.16
N ASN E 265 49.88 48.67 -15.18
CA ASN E 265 50.01 49.36 -16.50
C ASN E 265 48.90 48.89 -17.44
N CYS E 266 47.65 49.25 -17.13
CA CYS E 266 46.46 48.88 -17.96
C CYS E 266 46.77 48.09 -19.23
N GLU E 267 46.77 46.76 -19.16
CA GLU E 267 46.87 45.90 -20.34
C GLU E 267 45.51 45.82 -21.03
N VAL E 268 45.35 44.85 -21.93
CA VAL E 268 44.18 44.72 -22.80
C VAL E 268 42.91 44.50 -21.97
N TYR E 269 43.05 44.48 -20.65
CA TYR E 269 41.91 44.56 -19.75
C TYR E 269 40.87 45.54 -20.28
N ARG E 270 41.31 46.64 -20.91
CA ARG E 270 40.39 47.62 -21.48
C ARG E 270 39.20 46.95 -22.13
N SER E 271 39.44 46.04 -23.07
CA SER E 271 38.38 45.34 -23.78
C SER E 271 38.07 43.99 -23.19
N VAL E 272 39.03 43.38 -22.48
CA VAL E 272 38.78 42.07 -21.90
C VAL E 272 37.70 42.15 -20.82
N ASP E 273 37.63 43.29 -20.11
CA ASP E 273 36.58 43.45 -19.11
C ASP E 273 35.19 43.44 -19.76
N LEU E 274 35.04 44.16 -20.88
CA LEU E 274 33.78 44.11 -21.61
C LEU E 274 33.50 42.70 -22.10
N ALA E 275 34.52 42.02 -22.61
CA ALA E 275 34.32 40.65 -23.07
C ALA E 275 33.80 39.76 -21.94
N PHE E 276 34.42 39.85 -20.76
CA PHE E 276 34.00 39.04 -19.62
C PHE E 276 32.58 39.37 -19.19
N PHE E 277 32.27 40.66 -19.08
CA PHE E 277 30.96 41.05 -18.56
C PHE E 277 29.87 40.84 -19.60
N ILE E 278 30.23 40.64 -20.87
CA ILE E 278 29.24 40.30 -21.88
C ILE E 278 29.04 38.79 -21.94
N THR E 279 30.13 38.04 -21.77
CA THR E 279 30.01 36.57 -21.77
C THR E 279 29.31 36.07 -20.51
N LEU E 280 29.40 36.83 -19.41
CA LEU E 280 28.74 36.41 -18.17
C LEU E 280 27.22 36.40 -18.32
N SER E 281 26.67 37.18 -19.26
CA SER E 281 25.23 37.17 -19.48
C SER E 281 24.76 35.81 -19.97
N PHE E 282 25.64 35.03 -20.60
CA PHE E 282 25.27 33.68 -21.00
C PHE E 282 25.02 32.79 -19.80
N THR E 283 25.64 33.08 -18.66
CA THR E 283 25.37 32.31 -17.46
C THR E 283 23.90 32.45 -17.03
N TYR E 284 23.33 33.64 -17.20
CA TYR E 284 21.91 33.85 -16.91
C TYR E 284 21.01 33.40 -18.05
N MET E 285 21.51 33.46 -19.29
CA MET E 285 20.79 32.85 -20.40
C MET E 285 20.61 31.36 -20.16
N ASN E 286 21.61 30.72 -19.55
CA ASN E 286 21.49 29.31 -19.18
C ASN E 286 20.37 29.12 -18.17
N SER E 287 20.27 30.01 -17.19
CA SER E 287 19.18 29.94 -16.23
C SER E 287 17.83 30.08 -16.92
N MET E 288 17.73 31.01 -17.87
CA MET E 288 16.49 31.18 -18.63
C MET E 288 16.15 29.91 -19.41
N LEU E 289 17.14 29.29 -20.04
CA LEU E 289 16.88 28.15 -20.91
C LEU E 289 16.60 26.87 -20.12
N ASP E 290 17.18 26.74 -18.92
CA ASP E 290 17.13 25.48 -18.20
C ASP E 290 15.72 24.93 -18.01
N PRO E 291 14.74 25.71 -17.54
CA PRO E 291 13.40 25.13 -17.39
C PRO E 291 12.77 24.72 -18.72
N VAL E 292 12.82 25.59 -19.73
CA VAL E 292 12.16 25.30 -20.99
C VAL E 292 12.69 24.01 -21.60
N VAL E 293 13.92 23.63 -21.29
CA VAL E 293 14.51 22.42 -21.84
C VAL E 293 14.19 21.24 -20.94
N TYR E 294 14.51 21.35 -19.64
CA TYR E 294 14.41 20.20 -18.76
C TYR E 294 12.97 19.81 -18.49
N TYR E 295 12.12 20.77 -18.13
CA TYR E 295 10.77 20.45 -17.68
C TYR E 295 9.81 20.19 -18.85
N PHE E 296 9.86 21.02 -19.89
CA PHE E 296 8.94 20.87 -21.01
C PHE E 296 9.27 19.68 -21.89
N SER E 297 10.46 19.11 -21.76
CA SER E 297 10.82 17.96 -22.60
C SER E 297 9.92 16.77 -22.32
N SER E 298 9.60 16.53 -21.05
CA SER E 298 8.75 15.39 -20.71
C SER E 298 7.35 15.61 -21.28
N PRO E 299 6.69 14.56 -21.76
CA PRO E 299 5.32 14.73 -22.29
C PRO E 299 4.32 15.20 -21.24
N SER E 300 4.62 14.99 -19.96
CA SER E 300 3.67 15.40 -18.91
C SER E 300 3.41 16.89 -18.96
N PHE E 301 4.43 17.68 -19.29
CA PHE E 301 4.27 19.13 -19.38
C PHE E 301 3.55 19.51 -20.68
N NIO F . 30.15 41.00 -10.95
C1 NIO F . 29.86 39.69 -10.74
C2 NIO F . 28.60 39.20 -11.03
C3 NIO F . 27.65 40.02 -11.55
C4 NIO F . 27.94 41.34 -11.77
C5 NIO F . 29.19 41.83 -11.46
C6 NIO F . 28.24 37.73 -10.81
O1 NIO F . 27.14 37.30 -11.26
O2 NIO F . 29.01 36.95 -10.20
#